data_2J79
#
_entry.id   2J79
#
_cell.length_a   94.157
_cell.length_b   94.436
_cell.length_c   113.305
_cell.angle_alpha   90.00
_cell.angle_beta   90.00
_cell.angle_gamma   90.00
#
_symmetry.space_group_name_H-M   'P 21 21 21'
#
loop_
_entity.id
_entity.type
_entity.pdbx_description
1 polymer 'BETA-GLUCOSIDASE A'
2 non-polymer (2E,3R,4R,5R,6S)-3,4,5-TRIHYDROXY-6-(HYDROXYMETHYL)-2-PIPERIDINONE
3 non-polymer 'ACETATE ION'
4 non-polymer 'CALCIUM ION'
5 water water
#
_entity_poly.entity_id   1
_entity_poly.type   'polypeptide(L)'
_entity_poly.pdbx_seq_one_letter_code
;MGSSHHHHHHSSGLVPRGSHMASNVKKFPEGFLWGVATASYQIEGSPLADGAGMSIWHTFSHTPGNVKNGDTGDVACDHY
NRWKEDIEIIEKLGVKAYRFSISWPRILPEGTGRVNQKGLDFYNRIIDTLLEKGITPFVTIYHWDLPFALQLKGGWANRE
IADWFAEYSRVLFENFGDRVKNWITLNEPWVVAIVGHLYGVHAPGMRDIYVAFRAVHNLLRAHARAVKVFRETVKDGKIG
IVFNNGYFEPASEKEEDIRAVRFMHQFNNYPLFLNPIYRGDYPELVLEFAREYLPENYKDDMSEIQEKIDFVGLNYYSGH
LVKFDPDAPAKVSFVERDLPKTAMGWEIVPEGIYWILKKVKEEYNPPEVYITENGAAFDDVVSEDGRVHDQNRIDYLKAH
IGQAWKAIQEGVPLKGYFVWSLLDNFEWAEGYSKRFGIVYVDYSTQKRIVKDSGYWYSNVVKNNGLED
;
_entity_poly.pdbx_strand_id   A,B
#
# COMPACT_ATOMS: atom_id res chain seq x y z
N VAL A 25 16.80 14.77 34.33
CA VAL A 25 17.56 15.79 33.54
C VAL A 25 18.75 15.18 32.79
N LYS A 26 18.80 15.42 31.48
CA LYS A 26 19.90 14.92 30.64
C LYS A 26 20.53 16.11 29.91
N LYS A 27 21.58 16.66 30.51
CA LYS A 27 22.25 17.81 29.92
CA LYS A 27 22.26 17.81 29.94
C LYS A 27 23.41 17.34 29.05
N PHE A 28 23.55 17.97 27.88
CA PHE A 28 24.60 17.62 26.93
C PHE A 28 25.88 18.43 27.23
N PRO A 29 27.04 18.05 26.63
CA PRO A 29 28.27 18.79 26.88
C PRO A 29 28.19 20.26 26.49
N GLU A 30 29.01 21.08 27.15
CA GLU A 30 29.19 22.48 26.78
C GLU A 30 29.49 22.62 25.26
N GLY A 31 28.72 23.47 24.58
CA GLY A 31 28.96 23.74 23.16
C GLY A 31 28.52 22.64 22.18
N PHE A 32 27.81 21.62 22.68
CA PHE A 32 27.17 20.60 21.84
C PHE A 32 26.31 21.28 20.77
N LEU A 33 26.39 20.80 19.53
CA LEU A 33 25.79 21.51 18.41
C LEU A 33 24.41 20.93 18.05
N TRP A 34 23.35 21.60 18.48
CA TRP A 34 21.98 21.22 18.10
C TRP A 34 21.68 21.81 16.71
N GLY A 35 21.28 20.94 15.78
CA GLY A 35 21.05 21.37 14.42
C GLY A 35 19.77 20.87 13.79
N VAL A 36 19.49 21.38 12.59
CA VAL A 36 18.45 20.84 11.72
C VAL A 36 19.12 20.65 10.35
N ALA A 37 18.56 19.76 9.54
CA ALA A 37 19.15 19.45 8.24
C ALA A 37 18.14 19.49 7.08
N THR A 38 18.64 19.88 5.90
CA THR A 38 17.87 19.85 4.66
C THR A 38 18.81 19.39 3.53
N ALA A 39 18.26 19.26 2.32
CA ALA A 39 19.07 19.00 1.11
C ALA A 39 18.50 19.84 -0.03
N SER A 40 19.37 20.30 -0.92
CA SER A 40 19.06 21.26 -1.99
C SER A 40 17.86 20.89 -2.84
N TYR A 41 17.87 19.68 -3.42
CA TYR A 41 16.79 19.31 -4.34
C TYR A 41 15.48 19.11 -3.57
N GLN A 42 15.56 18.67 -2.31
CA GLN A 42 14.34 18.44 -1.55
C GLN A 42 13.58 19.72 -1.19
N ILE A 43 14.30 20.82 -1.02
CA ILE A 43 13.64 22.07 -0.54
C ILE A 43 13.63 23.26 -1.49
N GLU A 44 14.64 23.38 -2.37
CA GLU A 44 14.83 24.64 -3.10
C GLU A 44 13.80 25.01 -4.17
N GLY A 45 13.40 24.03 -4.98
CA GLY A 45 12.68 24.36 -6.23
C GLY A 45 13.58 25.18 -7.15
N SER A 46 12.96 25.75 -8.18
CA SER A 46 13.68 26.55 -9.17
C SER A 46 14.97 25.85 -9.69
N PRO A 47 14.87 24.56 -10.08
CA PRO A 47 16.08 23.79 -10.45
C PRO A 47 16.84 24.35 -11.64
N LEU A 48 16.17 25.10 -12.51
CA LEU A 48 16.84 25.65 -13.69
C LEU A 48 17.00 27.18 -13.65
N ALA A 49 16.78 27.76 -12.46
CA ALA A 49 16.88 29.21 -12.31
C ALA A 49 18.32 29.67 -12.40
N ASP A 50 18.50 30.91 -12.90
CA ASP A 50 19.79 31.60 -12.87
C ASP A 50 20.96 30.79 -13.47
N GLY A 51 20.73 30.13 -14.60
CA GLY A 51 21.82 29.42 -15.29
C GLY A 51 22.19 28.04 -14.78
N ALA A 52 21.45 27.53 -13.79
CA ALA A 52 21.71 26.17 -13.25
C ALA A 52 21.58 25.13 -14.34
N GLY A 53 22.43 24.09 -14.32
CA GLY A 53 22.26 22.95 -15.25
C GLY A 53 21.24 21.98 -14.67
N MET A 54 20.68 21.08 -15.49
CA MET A 54 19.82 20.02 -14.97
C MET A 54 20.62 19.06 -14.05
N SER A 55 19.96 18.51 -13.03
CA SER A 55 20.55 17.42 -12.22
C SER A 55 19.86 16.13 -12.65
N ILE A 56 20.39 14.99 -12.19
CA ILE A 56 19.76 13.70 -12.45
C ILE A 56 18.46 13.55 -11.68
N TRP A 57 18.24 14.35 -10.62
CA TRP A 57 16.93 14.30 -9.94
C TRP A 57 15.85 15.06 -10.71
N HIS A 58 16.26 16.10 -11.40
CA HIS A 58 15.36 16.78 -12.36
C HIS A 58 14.86 15.83 -13.46
N THR A 59 15.80 15.16 -14.14
CA THR A 59 15.42 14.28 -15.26
C THR A 59 14.75 13.01 -14.76
N PHE A 60 15.20 12.46 -13.62
CA PHE A 60 14.57 11.28 -13.03
C PHE A 60 13.11 11.55 -12.59
N SER A 61 12.87 12.63 -11.87
CA SER A 61 11.51 12.93 -11.44
C SER A 61 10.60 13.39 -12.59
N HIS A 62 11.20 13.86 -13.69
CA HIS A 62 10.38 14.25 -14.85
C HIS A 62 10.13 13.07 -15.78
N THR A 63 10.63 11.90 -15.38
CA THR A 63 10.37 10.66 -16.11
C THR A 63 9.17 9.97 -15.46
N PRO A 64 8.06 9.78 -16.24
CA PRO A 64 6.85 9.16 -15.69
C PRO A 64 7.10 7.82 -15.01
N GLY A 65 6.49 7.61 -13.85
CA GLY A 65 6.59 6.32 -13.18
C GLY A 65 7.64 6.24 -12.10
N ASN A 66 8.53 7.23 -12.03
CA ASN A 66 9.64 7.18 -11.08
C ASN A 66 9.34 7.67 -9.66
N VAL A 67 8.45 8.65 -9.55
CA VAL A 67 8.13 9.29 -8.26
C VAL A 67 6.64 9.29 -8.03
N LYS A 68 6.24 8.94 -6.80
CA LYS A 68 4.84 8.89 -6.45
CA LYS A 68 4.84 8.90 -6.46
C LYS A 68 4.10 10.17 -6.89
N ASN A 69 2.90 9.99 -7.44
CA ASN A 69 2.05 11.11 -7.88
C ASN A 69 2.65 11.98 -8.96
N GLY A 70 3.77 11.55 -9.53
CA GLY A 70 4.39 12.37 -10.58
C GLY A 70 5.02 13.63 -9.99
N ASP A 71 5.24 13.61 -8.68
CA ASP A 71 5.80 14.79 -7.99
C ASP A 71 7.21 15.08 -8.47
N THR A 72 7.62 16.35 -8.46
CA THR A 72 8.99 16.70 -8.83
C THR A 72 9.53 17.73 -7.86
N GLY A 73 10.81 18.06 -8.02
CA GLY A 73 11.41 19.12 -7.22
C GLY A 73 11.35 20.48 -7.88
N ASP A 74 10.42 20.68 -8.83
CA ASP A 74 10.32 21.98 -9.52
C ASP A 74 10.04 23.16 -8.62
N VAL A 75 9.16 22.94 -7.63
CA VAL A 75 8.83 24.02 -6.68
C VAL A 75 9.26 23.66 -5.25
N ALA A 76 8.93 22.46 -4.82
CA ALA A 76 9.28 21.98 -3.47
C ALA A 76 8.79 22.98 -2.41
N CYS A 77 9.69 23.42 -1.52
CA CYS A 77 9.35 24.43 -0.50
C CYS A 77 9.68 25.87 -0.95
N ASP A 78 10.02 26.04 -2.23
CA ASP A 78 10.43 27.32 -2.78
C ASP A 78 11.52 28.02 -1.92
N HIS A 79 12.40 27.24 -1.32
CA HIS A 79 13.47 27.80 -0.51
C HIS A 79 14.37 28.70 -1.35
N TYR A 80 14.40 28.46 -2.65
CA TYR A 80 15.25 29.25 -3.53
C TYR A 80 14.86 30.74 -3.40
N ASN A 81 13.58 31.00 -3.12
CA ASN A 81 13.09 32.37 -2.88
C ASN A 81 12.88 32.75 -1.41
N ARG A 82 12.59 31.74 -0.60
CA ARG A 82 12.15 31.91 0.80
C ARG A 82 13.23 31.62 1.82
N TRP A 83 14.46 31.49 1.34
CA TRP A 83 15.60 31.11 2.17
C TRP A 83 15.78 32.01 3.39
N LYS A 84 15.58 33.32 3.25
CA LYS A 84 15.75 34.26 4.40
C LYS A 84 14.73 33.96 5.51
N GLU A 85 13.47 33.80 5.13
CA GLU A 85 12.43 33.38 6.07
C GLU A 85 12.77 32.08 6.81
N ASP A 86 13.19 31.07 6.05
CA ASP A 86 13.53 29.77 6.63
C ASP A 86 14.66 29.89 7.65
N ILE A 87 15.69 30.66 7.31
CA ILE A 87 16.82 30.88 8.24
C ILE A 87 16.33 31.67 9.48
N GLU A 88 15.53 32.73 9.27
CA GLU A 88 14.85 33.41 10.41
C GLU A 88 14.07 32.46 11.33
N ILE A 89 13.43 31.42 10.76
CA ILE A 89 12.84 30.34 11.56
C ILE A 89 13.87 29.58 12.39
N ILE A 90 14.99 29.19 11.77
CA ILE A 90 16.09 28.53 12.49
C ILE A 90 16.56 29.43 13.64
N GLU A 91 16.80 30.70 13.33
CA GLU A 91 17.18 31.72 14.34
C GLU A 91 16.15 31.83 15.49
N LYS A 92 14.88 32.03 15.13
CA LYS A 92 13.77 32.15 16.11
CA LYS A 92 13.84 32.19 16.15
C LYS A 92 13.71 30.94 17.03
N LEU A 93 13.97 29.76 16.46
CA LEU A 93 13.99 28.52 17.25
C LEU A 93 15.24 28.37 18.11
N GLY A 94 16.25 29.20 17.86
CA GLY A 94 17.50 29.15 18.65
C GLY A 94 18.39 27.96 18.30
N VAL A 95 18.10 27.33 17.17
CA VAL A 95 18.90 26.19 16.70
C VAL A 95 20.30 26.67 16.31
N LYS A 96 21.30 25.91 16.71
CA LYS A 96 22.66 26.42 16.69
C LYS A 96 23.45 26.10 15.41
N ALA A 97 22.97 25.10 14.65
CA ALA A 97 23.67 24.66 13.44
C ALA A 97 22.67 24.31 12.34
N TYR A 98 23.03 24.61 11.10
CA TYR A 98 22.19 24.27 9.96
C TYR A 98 23.00 23.43 8.99
N ARG A 99 22.54 22.21 8.75
CA ARG A 99 23.17 21.34 7.78
C ARG A 99 22.36 21.47 6.49
N PHE A 100 23.04 21.89 5.43
CA PHE A 100 22.37 22.03 4.14
C PHE A 100 23.31 21.61 3.03
N SER A 101 22.77 21.33 1.85
CA SER A 101 23.63 20.90 0.76
C SER A 101 23.64 21.90 -0.35
N ILE A 102 24.69 21.81 -1.15
CA ILE A 102 24.86 22.64 -2.33
C ILE A 102 24.55 21.79 -3.58
N SER A 103 23.74 22.36 -4.47
CA SER A 103 23.41 21.75 -5.75
C SER A 103 24.60 21.91 -6.69
N TRP A 104 25.31 20.81 -6.96
CA TRP A 104 26.46 20.84 -7.89
C TRP A 104 26.15 21.55 -9.20
N PRO A 105 25.02 21.19 -9.88
CA PRO A 105 24.78 21.89 -11.17
C PRO A 105 24.40 23.38 -11.09
N ARG A 106 24.06 23.90 -9.91
CA ARG A 106 23.95 25.37 -9.80
C ARG A 106 25.33 26.02 -9.86
N ILE A 107 26.37 25.29 -9.44
CA ILE A 107 27.69 25.86 -9.29
C ILE A 107 28.46 25.64 -10.58
N LEU A 108 28.41 24.39 -11.09
CA LEU A 108 29.08 24.06 -12.35
C LEU A 108 28.02 23.40 -13.23
N PRO A 109 27.30 24.19 -14.05
CA PRO A 109 26.17 23.68 -14.82
C PRO A 109 26.42 22.43 -15.73
N GLU A 110 27.64 22.31 -16.24
CA GLU A 110 28.06 21.13 -17.01
C GLU A 110 28.88 20.19 -16.15
N GLY A 111 28.91 20.42 -14.84
CA GLY A 111 29.58 19.51 -13.90
C GLY A 111 31.05 19.86 -13.65
N THR A 112 31.78 20.12 -14.73
CA THR A 112 33.14 20.65 -14.67
C THR A 112 33.28 21.86 -15.55
N GLY A 113 34.39 22.59 -15.40
CA GLY A 113 34.65 23.73 -16.28
C GLY A 113 33.99 25.00 -15.76
N ARG A 114 32.98 25.48 -16.49
CA ARG A 114 32.34 26.78 -16.19
C ARG A 114 31.75 26.84 -14.77
N VAL A 115 32.09 27.91 -14.06
CA VAL A 115 31.51 28.24 -12.75
C VAL A 115 30.45 29.35 -12.91
N ASN A 116 29.29 29.09 -12.34
CA ASN A 116 28.11 29.98 -12.37
C ASN A 116 28.07 30.88 -11.13
N GLN A 117 28.37 32.16 -11.34
CA GLN A 117 28.47 33.09 -10.23
C GLN A 117 27.13 33.25 -9.50
N LYS A 118 26.03 33.15 -10.22
CA LYS A 118 24.73 33.26 -9.58
C LYS A 118 24.41 32.10 -8.64
N GLY A 119 24.99 30.94 -8.91
CA GLY A 119 24.82 29.78 -8.05
C GLY A 119 25.60 30.00 -6.78
N LEU A 120 26.84 30.49 -6.94
CA LEU A 120 27.66 30.82 -5.77
C LEU A 120 26.99 31.91 -4.92
N ASP A 121 26.44 32.95 -5.59
CA ASP A 121 25.73 34.05 -4.92
C ASP A 121 24.61 33.52 -4.01
N PHE A 122 23.79 32.59 -4.51
CA PHE A 122 22.69 31.98 -3.73
C PHE A 122 23.18 31.40 -2.39
N TYR A 123 24.23 30.58 -2.42
CA TYR A 123 24.73 29.99 -1.19
C TYR A 123 25.56 31.00 -0.38
N ASN A 124 26.22 31.93 -1.06
CA ASN A 124 26.95 32.99 -0.32
C ASN A 124 26.01 33.76 0.63
N ARG A 125 24.85 34.19 0.12
CA ARG A 125 23.80 34.85 0.94
C ARG A 125 23.30 34.02 2.13
N ILE A 126 23.07 32.73 1.91
CA ILE A 126 22.69 31.81 2.99
C ILE A 126 23.82 31.73 4.05
N ILE A 127 25.05 31.52 3.58
CA ILE A 127 26.18 31.38 4.50
C ILE A 127 26.35 32.66 5.34
N ASP A 128 26.34 33.82 4.68
CA ASP A 128 26.59 35.10 5.39
C ASP A 128 25.50 35.38 6.41
N THR A 129 24.26 35.08 6.02
CA THR A 129 23.10 35.24 6.88
C THR A 129 23.17 34.37 8.13
N LEU A 130 23.50 33.08 7.96
CA LEU A 130 23.67 32.17 9.09
C LEU A 130 24.72 32.70 10.08
N LEU A 131 25.90 33.07 9.54
CA LEU A 131 26.99 33.61 10.36
C LEU A 131 26.59 34.88 11.09
N GLU A 132 25.95 35.83 10.39
CA GLU A 132 25.41 37.03 11.03
C GLU A 132 24.50 36.66 12.20
N LYS A 133 23.75 35.57 12.05
CA LYS A 133 22.77 35.18 13.07
C LYS A 133 23.31 34.19 14.10
N GLY A 134 24.61 33.92 14.05
CA GLY A 134 25.23 33.03 15.04
C GLY A 134 24.93 31.54 14.86
N ILE A 135 24.61 31.13 13.64
CA ILE A 135 24.25 29.72 13.33
C ILE A 135 25.39 29.08 12.54
N THR A 136 25.82 27.89 12.95
CA THR A 136 26.98 27.26 12.32
C THR A 136 26.60 26.48 11.05
N PRO A 137 27.17 26.86 9.87
CA PRO A 137 26.84 26.11 8.66
C PRO A 137 27.61 24.80 8.60
N PHE A 138 26.89 23.72 8.32
CA PHE A 138 27.50 22.43 7.98
C PHE A 138 27.10 22.15 6.55
N VAL A 139 28.07 22.14 5.65
CA VAL A 139 27.75 22.00 4.21
C VAL A 139 27.97 20.58 3.69
N THR A 140 26.90 19.98 3.20
CA THR A 140 26.97 18.72 2.47
C THR A 140 27.28 19.00 1.01
N ILE A 141 28.45 18.55 0.54
CA ILE A 141 28.88 18.88 -0.81
C ILE A 141 28.00 18.15 -1.85
N TYR A 142 27.71 16.89 -1.55
CA TYR A 142 26.88 16.09 -2.45
C TYR A 142 25.78 15.37 -1.74
N HIS A 143 24.56 15.85 -1.98
CA HIS A 143 23.37 15.16 -1.48
C HIS A 143 22.49 14.80 -2.66
N TRP A 144 23.12 14.14 -3.67
CA TRP A 144 22.41 13.27 -4.65
C TRP A 144 22.00 13.93 -5.98
N ASP A 145 22.09 15.25 -6.06
CA ASP A 145 21.73 15.96 -7.30
C ASP A 145 22.91 16.16 -8.26
N LEU A 146 23.40 15.05 -8.78
CA LEU A 146 24.53 15.05 -9.72
C LEU A 146 24.12 15.86 -10.96
N PRO A 147 25.05 16.67 -11.52
CA PRO A 147 24.78 17.29 -12.81
C PRO A 147 24.41 16.25 -13.86
N PHE A 148 23.32 16.46 -14.57
CA PHE A 148 22.94 15.55 -15.65
C PHE A 148 24.08 15.39 -16.68
N ALA A 149 24.80 16.48 -16.96
CA ALA A 149 25.90 16.47 -17.93
C ALA A 149 26.93 15.40 -17.55
N LEU A 150 27.13 15.16 -16.26
CA LEU A 150 28.10 14.14 -15.85
C LEU A 150 27.47 12.77 -15.90
N GLN A 151 26.16 12.68 -15.73
CA GLN A 151 25.50 11.37 -15.85
C GLN A 151 25.62 10.84 -17.28
N LEU A 152 25.55 11.72 -18.25
CA LEU A 152 25.79 11.37 -19.68
C LEU A 152 27.13 10.74 -19.92
N LYS A 153 28.11 11.11 -19.08
CA LYS A 153 29.46 10.51 -19.13
CA LYS A 153 29.47 10.51 -19.14
C LYS A 153 29.66 9.36 -18.15
N GLY A 154 28.55 8.79 -17.69
CA GLY A 154 28.58 7.62 -16.78
C GLY A 154 28.37 7.95 -15.29
N GLY A 155 28.43 9.23 -14.91
CA GLY A 155 28.20 9.60 -13.49
C GLY A 155 29.14 8.82 -12.55
N TRP A 156 28.60 8.30 -11.45
CA TRP A 156 29.40 7.58 -10.43
C TRP A 156 30.06 6.29 -10.94
N ALA A 157 29.60 5.79 -12.09
CA ALA A 157 30.22 4.61 -12.74
C ALA A 157 31.59 4.90 -13.37
N ASN A 158 31.88 6.17 -13.67
CA ASN A 158 33.08 6.56 -14.39
C ASN A 158 34.19 6.95 -13.40
N ARG A 159 35.35 6.28 -13.47
CA ARG A 159 36.47 6.56 -12.55
C ARG A 159 36.84 8.01 -12.55
N GLU A 160 36.64 8.67 -13.70
CA GLU A 160 36.96 10.08 -13.83
CA GLU A 160 36.93 10.08 -13.83
C GLU A 160 36.15 10.98 -12.88
N ILE A 161 35.07 10.47 -12.30
CA ILE A 161 34.31 11.30 -11.35
C ILE A 161 35.14 11.72 -10.12
N ALA A 162 36.19 10.96 -9.79
CA ALA A 162 37.10 11.37 -8.68
C ALA A 162 37.69 12.72 -9.02
N ASP A 163 38.09 12.91 -10.26
CA ASP A 163 38.58 14.23 -10.74
C ASP A 163 37.48 15.31 -10.77
N TRP A 164 36.33 14.95 -11.34
CA TRP A 164 35.22 15.94 -11.45
C TRP A 164 34.79 16.42 -10.07
N PHE A 165 34.67 15.46 -9.15
CA PHE A 165 34.23 15.76 -7.78
C PHE A 165 35.27 16.61 -7.07
N ALA A 166 36.55 16.28 -7.28
CA ALA A 166 37.63 17.07 -6.67
C ALA A 166 37.63 18.52 -7.15
N GLU A 167 37.39 18.71 -8.45
CA GLU A 167 37.31 20.04 -9.09
CA GLU A 167 37.34 20.05 -9.03
C GLU A 167 36.15 20.86 -8.49
N TYR A 168 34.99 20.22 -8.42
CA TYR A 168 33.80 20.80 -7.76
C TYR A 168 34.05 21.20 -6.29
N SER A 169 34.52 20.24 -5.51
CA SER A 169 34.86 20.50 -4.11
C SER A 169 35.87 21.67 -4.00
N ARG A 170 36.89 21.72 -4.87
CA ARG A 170 37.89 22.80 -4.84
CA ARG A 170 37.88 22.80 -4.83
CA ARG A 170 37.89 22.79 -4.90
C ARG A 170 37.23 24.17 -5.03
N VAL A 171 36.28 24.26 -5.95
CA VAL A 171 35.56 25.51 -6.15
C VAL A 171 34.84 25.95 -4.88
N LEU A 172 34.14 25.01 -4.24
CA LEU A 172 33.44 25.32 -2.99
C LEU A 172 34.40 25.79 -1.91
N PHE A 173 35.50 25.07 -1.74
CA PHE A 173 36.48 25.43 -0.71
C PHE A 173 37.05 26.83 -0.96
N GLU A 174 37.38 27.12 -2.21
CA GLU A 174 37.96 28.42 -2.59
CA GLU A 174 37.97 28.41 -2.52
C GLU A 174 36.98 29.54 -2.35
N ASN A 175 35.71 29.30 -2.65
CA ASN A 175 34.69 30.34 -2.51
C ASN A 175 34.09 30.54 -1.12
N PHE A 176 33.96 29.45 -0.35
CA PHE A 176 33.24 29.48 0.92
C PHE A 176 34.07 29.08 2.13
N GLY A 177 35.25 28.51 1.89
CA GLY A 177 36.05 27.94 2.98
C GLY A 177 36.59 28.99 3.94
N ASP A 178 36.47 30.26 3.59
CA ASP A 178 36.86 31.38 4.46
C ASP A 178 35.83 31.51 5.58
N ARG A 179 34.61 31.07 5.31
CA ARG A 179 33.51 31.20 6.27
C ARG A 179 32.96 29.88 6.75
N VAL A 180 32.80 28.91 5.86
CA VAL A 180 32.29 27.59 6.25
C VAL A 180 33.48 26.72 6.68
N LYS A 181 33.38 26.10 7.86
CA LYS A 181 34.52 25.40 8.43
C LYS A 181 34.19 23.95 8.76
N ASN A 182 32.99 23.53 8.41
CA ASN A 182 32.51 22.18 8.68
C ASN A 182 31.89 21.63 7.40
N TRP A 183 32.50 20.61 6.82
CA TRP A 183 32.15 20.13 5.47
C TRP A 183 31.87 18.62 5.49
N ILE A 184 30.94 18.18 4.65
CA ILE A 184 30.64 16.76 4.48
C ILE A 184 30.78 16.47 2.96
N THR A 185 31.61 15.49 2.57
CA THR A 185 31.83 15.20 1.14
C THR A 185 30.54 14.61 0.55
N LEU A 186 30.10 13.50 1.13
CA LEU A 186 28.99 12.71 0.57
C LEU A 186 27.91 12.44 1.59
N ASN A 187 26.64 12.61 1.18
CA ASN A 187 25.53 12.05 1.94
C ASN A 187 25.20 10.63 1.48
N GLU A 188 25.39 9.65 2.37
CA GLU A 188 24.89 8.29 2.19
C GLU A 188 25.33 7.64 0.86
N PRO A 189 26.65 7.48 0.70
CA PRO A 189 27.11 6.88 -0.56
C PRO A 189 26.53 5.46 -0.80
N TRP A 190 26.14 4.73 0.26
CA TRP A 190 25.48 3.43 0.01
C TRP A 190 24.19 3.66 -0.77
N VAL A 191 23.39 4.64 -0.36
CA VAL A 191 22.13 4.91 -1.04
C VAL A 191 22.38 5.33 -2.50
N VAL A 192 23.30 6.27 -2.69
CA VAL A 192 23.68 6.79 -4.01
C VAL A 192 24.02 5.61 -4.93
N ALA A 193 24.88 4.72 -4.45
CA ALA A 193 25.30 3.59 -5.27
C ALA A 193 24.20 2.55 -5.41
N ILE A 194 23.68 2.06 -4.28
CA ILE A 194 22.82 0.89 -4.35
C ILE A 194 21.37 1.23 -4.70
N VAL A 195 20.80 2.25 -4.07
CA VAL A 195 19.41 2.57 -4.37
C VAL A 195 19.35 3.23 -5.77
N GLY A 196 20.40 3.95 -6.14
CA GLY A 196 20.44 4.63 -7.47
C GLY A 196 20.82 3.72 -8.61
N HIS A 197 21.67 2.70 -8.37
CA HIS A 197 22.23 1.93 -9.49
C HIS A 197 21.97 0.40 -9.48
N LEU A 198 21.43 -0.11 -8.38
CA LEU A 198 21.05 -1.52 -8.25
C LEU A 198 19.54 -1.68 -8.15
N TYR A 199 18.93 -0.92 -7.25
CA TYR A 199 17.49 -1.00 -7.06
C TYR A 199 16.80 -0.13 -8.10
N GLY A 200 17.46 0.93 -8.52
CA GLY A 200 16.87 1.81 -9.55
C GLY A 200 15.73 2.68 -9.06
N VAL A 201 15.60 2.80 -7.75
CA VAL A 201 14.50 3.52 -7.13
C VAL A 201 14.81 5.03 -7.02
N HIS A 202 16.09 5.35 -7.03
CA HIS A 202 16.56 6.75 -7.02
C HIS A 202 17.31 7.02 -8.31
N ALA A 203 17.45 8.30 -8.66
CA ALA A 203 18.32 8.68 -9.79
C ALA A 203 19.71 8.05 -9.64
N PRO A 204 20.35 7.64 -10.76
CA PRO A 204 19.88 7.78 -12.14
C PRO A 204 18.96 6.62 -12.57
N GLY A 205 18.49 5.82 -11.63
CA GLY A 205 17.48 4.81 -11.90
C GLY A 205 17.94 3.57 -12.65
N MET A 206 19.12 3.05 -12.30
CA MET A 206 19.70 1.90 -12.98
CA MET A 206 19.67 1.89 -12.98
C MET A 206 19.59 0.63 -12.12
N ARG A 207 19.63 -0.53 -12.77
CA ARG A 207 19.62 -1.84 -12.12
CA ARG A 207 19.62 -1.84 -12.11
C ARG A 207 20.74 -2.69 -12.68
N ASP A 208 21.96 -2.46 -12.22
CA ASP A 208 23.12 -3.24 -12.66
C ASP A 208 24.07 -3.35 -11.48
N ILE A 209 24.22 -4.57 -10.95
CA ILE A 209 25.05 -4.79 -9.73
C ILE A 209 26.54 -4.44 -9.92
N TYR A 210 27.07 -4.64 -11.13
CA TYR A 210 28.45 -4.34 -11.41
C TYR A 210 28.64 -2.80 -11.45
N VAL A 211 27.66 -2.12 -12.06
CA VAL A 211 27.69 -0.64 -11.98
C VAL A 211 27.60 -0.16 -10.51
N ALA A 212 26.67 -0.73 -9.74
CA ALA A 212 26.46 -0.26 -8.37
C ALA A 212 27.74 -0.40 -7.55
N PHE A 213 28.48 -1.48 -7.74
CA PHE A 213 29.71 -1.63 -6.94
C PHE A 213 30.83 -0.79 -7.47
N ARG A 214 30.85 -0.50 -8.77
N ARG A 214 30.85 -0.53 -8.78
CA ARG A 214 31.82 0.49 -9.24
CA ARG A 214 31.77 0.49 -9.28
C ARG A 214 31.49 1.92 -8.77
C ARG A 214 31.49 1.85 -8.64
N ALA A 215 30.21 2.20 -8.54
CA ALA A 215 29.81 3.47 -7.90
C ALA A 215 30.27 3.52 -6.44
N VAL A 216 30.09 2.44 -5.67
CA VAL A 216 30.63 2.39 -4.30
C VAL A 216 32.09 2.81 -4.30
N HIS A 217 32.89 2.16 -5.15
CA HIS A 217 34.33 2.38 -5.16
C HIS A 217 34.66 3.78 -5.62
N ASN A 218 33.98 4.26 -6.67
CA ASN A 218 34.29 5.63 -7.13
C ASN A 218 33.86 6.73 -6.13
N LEU A 219 32.80 6.45 -5.38
CA LEU A 219 32.36 7.39 -4.32
C LEU A 219 33.45 7.54 -3.26
N LEU A 220 34.03 6.41 -2.84
CA LEU A 220 35.22 6.44 -1.97
C LEU A 220 36.40 7.22 -2.56
N ARG A 221 36.73 6.96 -3.81
CA ARG A 221 37.86 7.65 -4.44
C ARG A 221 37.59 9.12 -4.54
N ALA A 222 36.36 9.48 -4.91
CA ALA A 222 36.03 10.91 -5.04
C ALA A 222 36.05 11.57 -3.65
N HIS A 223 35.43 10.93 -2.66
CA HIS A 223 35.50 11.44 -1.28
C HIS A 223 36.94 11.71 -0.86
N ALA A 224 37.85 10.76 -1.10
CA ALA A 224 39.25 10.95 -0.66
C ALA A 224 39.98 12.07 -1.40
N ARG A 225 39.76 12.17 -2.72
N ARG A 225 39.74 12.16 -2.71
CA ARG A 225 40.35 13.28 -3.49
CA ARG A 225 40.30 13.22 -3.55
C ARG A 225 39.89 14.64 -2.98
C ARG A 225 39.87 14.63 -3.06
N ALA A 226 38.61 14.75 -2.63
CA ALA A 226 38.05 15.95 -2.10
C ALA A 226 38.71 16.30 -0.76
N VAL A 227 38.83 15.32 0.13
CA VAL A 227 39.53 15.56 1.41
C VAL A 227 40.96 16.08 1.15
N LYS A 228 41.67 15.42 0.23
CA LYS A 228 43.03 15.84 -0.18
C LYS A 228 43.09 17.29 -0.65
N VAL A 229 42.16 17.69 -1.52
CA VAL A 229 42.08 19.07 -1.94
C VAL A 229 41.77 20.01 -0.75
N PHE A 230 40.88 19.57 0.15
CA PHE A 230 40.51 20.38 1.33
C PHE A 230 41.75 20.78 2.15
N ARG A 231 42.60 19.81 2.43
CA ARG A 231 43.87 20.05 3.16
C ARG A 231 44.80 21.07 2.50
N GLU A 232 44.74 21.11 1.17
CA GLU A 232 45.53 22.01 0.34
CA GLU A 232 45.50 22.01 0.31
C GLU A 232 44.88 23.40 0.28
N THR A 233 43.57 23.50 0.56
CA THR A 233 42.87 24.77 0.32
CA THR A 233 42.80 24.73 0.30
C THR A 233 42.28 25.46 1.55
N VAL A 234 41.82 24.69 2.52
CA VAL A 234 41.17 25.27 3.69
C VAL A 234 41.95 24.82 4.92
N LYS A 235 43.08 25.49 5.15
CA LYS A 235 43.93 25.32 6.34
C LYS A 235 43.22 25.14 7.71
N ASP A 236 42.14 25.91 7.95
CA ASP A 236 41.27 25.71 9.11
CA ASP A 236 41.23 25.76 9.11
C ASP A 236 39.96 25.00 8.75
N GLY A 237 39.37 24.30 9.69
CA GLY A 237 38.11 23.67 9.33
C GLY A 237 38.27 22.19 9.19
N LYS A 238 37.13 21.50 9.21
CA LYS A 238 37.07 20.08 9.34
C LYS A 238 36.19 19.47 8.26
N ILE A 239 36.53 18.27 7.84
CA ILE A 239 35.78 17.57 6.80
C ILE A 239 35.49 16.14 7.21
N GLY A 240 34.30 15.66 6.84
CA GLY A 240 33.87 14.31 7.14
C GLY A 240 32.94 13.78 6.03
N ILE A 241 32.19 12.75 6.37
CA ILE A 241 31.37 11.99 5.43
C ILE A 241 30.24 11.40 6.23
N VAL A 242 29.07 11.25 5.60
CA VAL A 242 27.84 10.82 6.26
C VAL A 242 27.35 9.47 5.74
N PHE A 243 26.98 8.57 6.64
CA PHE A 243 26.45 7.23 6.27
C PHE A 243 25.06 6.98 6.82
N ASN A 244 24.22 6.31 6.03
CA ASN A 244 22.96 5.76 6.53
C ASN A 244 23.25 4.53 7.38
N ASN A 245 22.40 4.32 8.38
CA ASN A 245 22.56 3.13 9.24
C ASN A 245 21.21 2.65 9.70
N GLY A 246 21.07 1.34 9.83
CA GLY A 246 19.92 0.68 10.44
C GLY A 246 20.40 -0.12 11.63
N TYR A 247 19.52 -0.36 12.60
CA TYR A 247 19.82 -1.28 13.70
C TYR A 247 19.26 -2.65 13.35
N PHE A 248 20.15 -3.57 12.99
CA PHE A 248 19.72 -4.89 12.62
C PHE A 248 19.82 -5.85 13.82
N GLU A 249 18.68 -6.47 14.14
CA GLU A 249 18.60 -7.53 15.15
C GLU A 249 18.25 -8.85 14.47
N PRO A 250 18.79 -9.99 15.01
CA PRO A 250 18.57 -11.28 14.35
C PRO A 250 17.24 -11.89 14.77
N ALA A 251 16.59 -12.57 13.84
CA ALA A 251 15.27 -13.15 14.06
C ALA A 251 15.28 -14.25 15.13
N SER A 252 16.46 -14.84 15.36
CA SER A 252 16.63 -16.00 16.23
C SER A 252 18.06 -15.99 16.76
N GLU A 253 18.46 -17.05 17.47
CA GLU A 253 19.88 -17.30 17.77
C GLU A 253 20.43 -18.49 16.99
N ASP A 257 21.62 -16.51 10.96
CA ASP A 257 20.82 -15.34 11.29
C ASP A 257 21.66 -14.23 11.97
N ILE A 258 22.53 -14.65 12.89
CA ILE A 258 23.43 -13.71 13.56
C ILE A 258 24.41 -13.15 12.52
N ARG A 259 24.75 -14.00 11.54
CA ARG A 259 25.65 -13.67 10.44
C ARG A 259 24.92 -12.80 9.42
N ALA A 260 23.61 -12.98 9.31
CA ALA A 260 22.80 -12.18 8.41
C ALA A 260 22.85 -10.77 8.92
N VAL A 261 22.81 -10.62 10.24
CA VAL A 261 22.92 -9.32 10.87
C VAL A 261 24.30 -8.76 10.61
N ARG A 262 25.32 -9.61 10.70
CA ARG A 262 26.72 -9.20 10.47
CA ARG A 262 26.69 -9.16 10.49
C ARG A 262 26.88 -8.61 9.08
N PHE A 263 26.36 -9.33 8.09
CA PHE A 263 26.41 -8.88 6.71
C PHE A 263 25.61 -7.55 6.50
N MET A 264 24.44 -7.43 7.10
CA MET A 264 23.66 -6.19 6.93
C MET A 264 24.39 -4.99 7.52
N HIS A 265 24.98 -5.17 8.70
CA HIS A 265 25.78 -4.11 9.28
C HIS A 265 26.94 -3.71 8.38
N GLN A 266 27.66 -4.69 7.84
CA GLN A 266 28.89 -4.43 7.10
C GLN A 266 28.59 -3.83 5.75
N PHE A 267 27.43 -4.19 5.20
CA PHE A 267 27.00 -3.77 3.84
C PHE A 267 26.22 -2.46 3.85
N ASN A 268 25.22 -2.37 4.70
CA ASN A 268 24.29 -1.23 4.71
CA ASN A 268 24.25 -1.25 4.72
C ASN A 268 24.71 -0.13 5.64
N ASN A 269 25.58 -0.47 6.62
CA ASN A 269 26.02 0.57 7.56
C ASN A 269 27.42 1.12 7.27
N TYR A 270 27.88 2.06 8.11
CA TYR A 270 29.19 2.71 7.93
C TYR A 270 30.39 1.81 7.56
N PRO A 271 30.43 0.50 7.97
CA PRO A 271 31.65 -0.29 7.62
C PRO A 271 31.98 -0.41 6.14
N LEU A 272 30.99 -0.46 5.27
CA LEU A 272 31.29 -0.50 3.84
C LEU A 272 32.29 0.54 3.41
N PHE A 273 32.22 1.70 4.04
CA PHE A 273 33.05 2.85 3.69
C PHE A 273 34.17 3.08 4.70
N LEU A 274 33.89 2.83 5.98
CA LEU A 274 34.92 3.08 7.00
C LEU A 274 36.01 2.02 7.09
N ASN A 275 35.69 0.78 6.73
CA ASN A 275 36.72 -0.24 6.63
C ASN A 275 37.78 0.12 5.57
N PRO A 276 37.37 0.54 4.34
CA PRO A 276 38.37 1.15 3.43
C PRO A 276 39.10 2.37 4.00
N ILE A 277 38.37 3.33 4.57
CA ILE A 277 38.98 4.57 5.07
C ILE A 277 40.00 4.32 6.22
N TYR A 278 39.61 3.48 7.16
CA TYR A 278 40.42 3.21 8.36
C TYR A 278 41.35 2.00 8.26
N ARG A 279 40.95 1.01 7.48
CA ARG A 279 41.65 -0.29 7.38
C ARG A 279 42.14 -0.64 5.98
N GLY A 280 41.68 0.08 4.95
CA GLY A 280 42.23 -0.14 3.62
C GLY A 280 41.67 -1.34 2.85
N ASP A 281 40.48 -1.78 3.21
CA ASP A 281 39.77 -2.81 2.41
C ASP A 281 38.31 -2.80 2.76
N TYR A 282 37.49 -3.39 1.90
CA TYR A 282 36.09 -3.57 2.21
C TYR A 282 35.90 -4.57 3.33
N PRO A 283 34.77 -4.49 4.07
CA PRO A 283 34.50 -5.51 5.11
C PRO A 283 34.42 -6.95 4.55
N GLU A 284 34.81 -7.93 5.38
CA GLU A 284 34.92 -9.33 4.97
C GLU A 284 33.66 -9.87 4.30
N LEU A 285 32.50 -9.65 4.92
CA LEU A 285 31.27 -10.21 4.34
C LEU A 285 30.78 -9.46 3.07
N VAL A 286 31.20 -8.20 2.91
CA VAL A 286 30.91 -7.48 1.66
C VAL A 286 31.73 -8.11 0.53
N LEU A 287 32.99 -8.42 0.80
CA LEU A 287 33.82 -9.10 -0.19
C LEU A 287 33.30 -10.49 -0.52
N GLU A 288 32.79 -11.21 0.48
CA GLU A 288 32.18 -12.53 0.20
C GLU A 288 31.05 -12.39 -0.84
N PHE A 289 30.12 -11.49 -0.56
CA PHE A 289 29.00 -11.22 -1.46
C PHE A 289 29.42 -10.58 -2.81
N ALA A 290 30.30 -9.60 -2.77
CA ALA A 290 30.43 -8.65 -3.91
C ALA A 290 31.76 -8.57 -4.63
N ARG A 291 32.73 -9.45 -4.29
CA ARG A 291 34.05 -9.32 -4.87
C ARG A 291 34.01 -9.28 -6.39
N GLU A 292 33.20 -10.14 -7.00
CA GLU A 292 33.23 -10.22 -8.46
CA GLU A 292 33.09 -10.27 -8.45
C GLU A 292 32.65 -8.97 -9.11
N TYR A 293 32.02 -8.11 -8.33
CA TYR A 293 31.38 -6.86 -8.85
C TYR A 293 32.28 -5.65 -8.74
N LEU A 294 33.31 -5.74 -7.89
CA LEU A 294 34.28 -4.67 -7.76
C LEU A 294 35.28 -4.72 -8.89
N PRO A 295 35.93 -3.59 -9.19
CA PRO A 295 37.01 -3.64 -10.17
C PRO A 295 38.07 -4.66 -9.77
N GLU A 296 38.72 -5.27 -10.76
CA GLU A 296 39.70 -6.32 -10.51
C GLU A 296 40.87 -5.86 -9.62
N ASN A 297 41.32 -4.65 -9.84
CA ASN A 297 42.48 -4.12 -9.14
C ASN A 297 42.11 -2.98 -8.17
N TYR A 298 40.97 -3.17 -7.51
CA TYR A 298 40.39 -2.14 -6.66
C TYR A 298 41.30 -1.80 -5.48
N LYS A 299 42.11 -2.75 -5.01
CA LYS A 299 43.07 -2.49 -3.91
C LYS A 299 44.11 -1.44 -4.27
N ASP A 300 44.41 -1.27 -5.56
CA ASP A 300 45.36 -0.23 -6.00
C ASP A 300 44.95 1.18 -5.52
N ASP A 301 43.65 1.35 -5.27
CA ASP A 301 43.10 2.65 -4.86
C ASP A 301 42.98 2.83 -3.35
N MET A 302 43.17 1.75 -2.59
CA MET A 302 42.90 1.81 -1.16
C MET A 302 43.81 2.74 -0.35
N SER A 303 45.08 2.86 -0.72
CA SER A 303 45.94 3.72 0.11
C SER A 303 45.52 5.18 -0.04
N GLU A 304 45.12 5.58 -1.24
CA GLU A 304 44.54 6.92 -1.42
C GLU A 304 43.24 7.13 -0.68
N ILE A 305 42.43 6.08 -0.62
CA ILE A 305 41.14 6.10 0.04
C ILE A 305 41.26 6.35 1.54
N GLN A 306 42.41 5.98 2.12
CA GLN A 306 42.66 6.19 3.54
C GLN A 306 42.99 7.63 3.95
N GLU A 307 42.79 8.58 3.05
CA GLU A 307 42.93 10.01 3.36
C GLU A 307 42.25 10.33 4.72
N LYS A 308 42.97 11.02 5.60
CA LYS A 308 42.50 11.23 6.96
C LYS A 308 41.27 12.14 7.00
N ILE A 309 40.24 11.70 7.72
CA ILE A 309 39.01 12.51 7.90
C ILE A 309 38.92 13.00 9.34
N ASP A 310 38.14 14.07 9.53
CA ASP A 310 38.01 14.75 10.83
C ASP A 310 36.83 14.29 11.69
N PHE A 311 35.75 13.84 11.03
CA PHE A 311 34.59 13.31 11.75
C PHE A 311 33.78 12.36 10.90
N VAL A 312 32.94 11.56 11.54
CA VAL A 312 32.01 10.68 10.86
C VAL A 312 30.60 11.20 11.17
N GLY A 313 29.76 11.33 10.15
CA GLY A 313 28.36 11.68 10.40
C GLY A 313 27.56 10.41 10.22
N LEU A 314 26.68 10.11 11.16
CA LEU A 314 25.83 8.94 11.07
C LEU A 314 24.40 9.42 10.99
N ASN A 315 23.67 8.93 9.99
CA ASN A 315 22.23 9.11 9.96
C ASN A 315 21.61 7.83 10.49
N TYR A 316 20.51 7.96 11.20
CA TYR A 316 19.79 6.82 11.77
C TYR A 316 18.29 7.09 11.90
N TYR A 317 17.44 6.16 11.48
CA TYR A 317 15.98 6.31 11.54
C TYR A 317 15.27 5.11 12.14
N SER A 318 15.77 3.93 11.81
CA SER A 318 15.02 2.70 11.97
C SER A 318 15.81 1.44 12.34
N GLY A 319 15.08 0.46 12.88
CA GLY A 319 15.64 -0.86 13.12
C GLY A 319 14.94 -1.93 12.28
N HIS A 320 15.57 -3.09 12.13
CA HIS A 320 15.07 -4.15 11.27
C HIS A 320 15.39 -5.50 11.87
N LEU A 321 14.39 -6.39 11.86
CA LEU A 321 14.61 -7.78 12.21
C LEU A 321 14.95 -8.50 10.93
N VAL A 322 16.01 -9.30 11.01
CA VAL A 322 16.68 -9.82 9.83
C VAL A 322 16.91 -11.32 9.99
N LYS A 323 16.69 -12.06 8.91
CA LYS A 323 16.94 -13.50 8.92
C LYS A 323 17.72 -13.90 7.69
N PHE A 324 18.51 -14.96 7.81
CA PHE A 324 19.03 -15.63 6.62
C PHE A 324 17.83 -16.10 5.79
N ASP A 325 17.99 -16.07 4.47
CA ASP A 325 16.92 -16.38 3.54
C ASP A 325 17.57 -16.77 2.21
N PRO A 326 17.47 -18.07 1.81
CA PRO A 326 18.15 -18.60 0.61
C PRO A 326 17.79 -17.89 -0.71
N ALA A 330 20.66 -11.36 -1.74
CA ALA A 330 21.80 -11.25 -0.83
C ALA A 330 21.69 -12.21 0.36
N LYS A 331 20.73 -13.14 0.27
CA LYS A 331 20.49 -14.19 1.29
C LYS A 331 20.00 -13.62 2.62
N VAL A 332 19.35 -12.45 2.54
CA VAL A 332 18.81 -11.77 3.71
C VAL A 332 17.42 -11.27 3.39
N SER A 333 16.49 -11.45 4.31
CA SER A 333 15.20 -10.82 4.18
C SER A 333 14.83 -10.19 5.50
N PHE A 334 13.90 -9.26 5.45
CA PHE A 334 13.42 -8.61 6.66
C PHE A 334 12.20 -9.34 7.19
N VAL A 335 12.05 -9.34 8.51
CA VAL A 335 10.90 -9.94 9.16
C VAL A 335 10.12 -8.80 9.82
N GLU A 336 8.85 -8.68 9.45
CA GLU A 336 8.02 -7.62 10.01
C GLU A 336 7.77 -7.86 11.50
N ARG A 337 7.83 -6.80 12.30
CA ARG A 337 7.59 -6.89 13.74
C ARG A 337 6.39 -6.03 14.08
N ASP A 338 5.68 -6.42 15.14
CA ASP A 338 4.59 -5.62 15.64
C ASP A 338 5.20 -4.59 16.60
N LEU A 339 5.76 -3.53 16.02
CA LEU A 339 6.34 -2.41 16.76
C LEU A 339 5.71 -1.13 16.21
N PRO A 340 5.67 -0.05 17.01
CA PRO A 340 5.23 1.21 16.40
C PRO A 340 6.05 1.55 15.14
N LYS A 341 5.39 2.11 14.12
CA LYS A 341 6.04 2.45 12.86
C LYS A 341 5.70 3.88 12.50
N THR A 342 6.52 4.48 11.65
CA THR A 342 6.23 5.83 11.17
C THR A 342 5.38 5.70 9.90
N ALA A 343 4.98 6.82 9.31
CA ALA A 343 4.29 6.80 8.00
C ALA A 343 5.11 6.18 6.86
N MET A 344 6.42 6.03 7.05
CA MET A 344 7.27 5.30 6.09
C MET A 344 7.11 3.78 6.21
N GLY A 345 6.49 3.33 7.30
CA GLY A 345 6.49 1.91 7.63
C GLY A 345 7.77 1.47 8.36
N TRP A 346 8.57 2.44 8.80
CA TRP A 346 9.82 2.14 9.48
C TRP A 346 9.55 1.90 10.98
N GLU A 347 10.06 0.79 11.51
CA GLU A 347 9.94 0.50 12.95
C GLU A 347 10.75 1.47 13.79
N ILE A 348 10.14 1.93 14.89
CA ILE A 348 10.74 2.94 15.76
C ILE A 348 11.49 2.21 16.86
N VAL A 349 12.82 2.27 16.80
CA VAL A 349 13.67 1.50 17.71
C VAL A 349 14.77 2.42 18.22
N PRO A 350 14.46 3.22 19.25
CA PRO A 350 15.37 4.27 19.71
C PRO A 350 16.74 3.78 20.17
N GLU A 351 16.80 2.58 20.74
CA GLU A 351 18.07 2.04 21.24
C GLU A 351 19.07 1.86 20.10
N GLY A 352 18.54 1.77 18.88
CA GLY A 352 19.36 1.66 17.66
C GLY A 352 20.37 2.77 17.53
N ILE A 353 20.00 3.99 17.88
CA ILE A 353 20.90 5.15 17.77
C ILE A 353 22.05 5.06 18.79
N TYR A 354 21.75 4.53 19.97
CA TYR A 354 22.76 4.24 20.97
C TYR A 354 23.72 3.15 20.48
N TRP A 355 23.17 2.05 19.97
CA TRP A 355 23.97 0.98 19.45
C TRP A 355 24.97 1.42 18.37
N ILE A 356 24.49 2.20 17.41
CA ILE A 356 25.33 2.53 16.25
C ILE A 356 26.43 3.50 16.69
N LEU A 357 26.14 4.30 17.71
CA LEU A 357 27.14 5.23 18.24
C LEU A 357 28.22 4.50 19.00
N LYS A 358 27.80 3.57 19.85
CA LYS A 358 28.72 2.67 20.54
C LYS A 358 29.58 1.90 19.54
N LYS A 359 28.89 1.30 18.57
CA LYS A 359 29.50 0.41 17.61
C LYS A 359 30.55 1.13 16.75
N VAL A 360 30.29 2.38 16.35
CA VAL A 360 31.26 3.12 15.55
C VAL A 360 32.56 3.40 16.35
N LYS A 361 32.40 3.80 17.62
CA LYS A 361 33.54 4.01 18.52
C LYS A 361 34.32 2.71 18.65
N GLU A 362 33.62 1.61 18.93
CA GLU A 362 34.25 0.30 19.14
CA GLU A 362 34.27 0.32 19.15
C GLU A 362 35.01 -0.16 17.91
N GLU A 363 34.44 0.08 16.72
CA GLU A 363 35.04 -0.46 15.50
C GLU A 363 36.11 0.39 14.85
N TYR A 364 35.91 1.70 14.80
CA TYR A 364 36.85 2.57 14.08
C TYR A 364 37.37 3.74 14.91
N ASN A 365 36.75 3.99 16.06
CA ASN A 365 37.17 5.07 16.97
C ASN A 365 37.42 6.44 16.31
N PRO A 366 36.47 6.93 15.51
CA PRO A 366 36.72 8.21 14.85
C PRO A 366 36.83 9.29 15.92
N PRO A 367 37.63 10.33 15.66
CA PRO A 367 37.83 11.34 16.69
C PRO A 367 36.56 12.14 17.08
N GLU A 368 35.71 12.44 16.09
CA GLU A 368 34.42 13.08 16.37
C GLU A 368 33.29 12.34 15.64
N VAL A 369 32.09 12.35 16.22
CA VAL A 369 30.91 11.79 15.53
C VAL A 369 29.82 12.86 15.62
N TYR A 370 28.99 12.95 14.58
CA TYR A 370 27.76 13.73 14.65
C TYR A 370 26.65 12.81 14.24
N ILE A 371 25.49 12.97 14.87
CA ILE A 371 24.27 12.44 14.28
C ILE A 371 23.81 13.51 13.30
N THR A 372 23.98 13.23 12.01
CA THR A 372 23.69 14.24 10.97
C THR A 372 22.26 14.22 10.41
N GLU A 373 21.49 13.19 10.77
CA GLU A 373 20.05 13.12 10.51
C GLU A 373 19.43 12.12 11.48
N ASN A 374 18.29 12.51 12.07
CA ASN A 374 17.41 11.62 12.83
C ASN A 374 16.06 12.33 12.79
N GLY A 375 14.99 11.61 12.54
CA GLY A 375 13.68 12.24 12.43
C GLY A 375 12.65 11.21 12.01
N ALA A 376 11.42 11.65 11.76
CA ALA A 376 10.34 10.71 11.46
C ALA A 376 9.27 11.35 10.60
N ALA A 377 8.64 10.55 9.77
CA ALA A 377 7.47 11.01 9.00
C ALA A 377 6.21 10.54 9.69
N PHE A 378 5.28 11.47 9.89
CA PHE A 378 3.94 11.14 10.42
C PHE A 378 2.90 11.88 9.59
N ASP A 379 1.64 11.45 9.66
CA ASP A 379 0.59 12.07 8.86
C ASP A 379 0.14 13.34 9.59
N ASP A 380 0.93 14.40 9.45
CA ASP A 380 0.66 15.67 10.10
C ASP A 380 -0.57 16.38 9.59
N VAL A 381 -1.34 16.87 10.55
CA VAL A 381 -2.54 17.65 10.28
C VAL A 381 -2.51 18.94 11.05
N VAL A 382 -2.90 20.02 10.37
CA VAL A 382 -3.11 21.31 10.99
C VAL A 382 -4.49 21.31 11.65
N SER A 383 -4.51 21.29 12.98
CA SER A 383 -5.75 21.34 13.78
C SER A 383 -6.51 22.64 13.61
N GLU A 384 -7.74 22.69 14.11
CA GLU A 384 -8.56 23.90 14.00
C GLU A 384 -7.93 25.07 14.75
N ASP A 385 -7.13 24.76 15.77
CA ASP A 385 -6.41 25.77 16.54
C ASP A 385 -5.18 26.38 15.83
N GLY A 386 -4.94 25.96 14.59
CA GLY A 386 -3.83 26.47 13.78
C GLY A 386 -2.49 25.79 14.07
N ARG A 387 -2.51 24.77 14.93
CA ARG A 387 -1.29 24.11 15.36
C ARG A 387 -1.13 22.71 14.79
N VAL A 388 0.10 22.17 14.81
CA VAL A 388 0.31 20.79 14.39
C VAL A 388 0.77 19.99 15.60
N HIS A 389 -0.14 19.16 16.12
CA HIS A 389 0.07 18.50 17.38
C HIS A 389 0.77 17.16 17.18
N ASP A 390 2.01 17.23 16.72
CA ASP A 390 2.77 16.01 16.42
C ASP A 390 3.46 15.39 17.63
N GLN A 391 2.66 14.91 18.58
CA GLN A 391 3.21 14.30 19.77
C GLN A 391 3.97 13.04 19.41
N ASN A 392 3.50 12.33 18.37
CA ASN A 392 4.23 11.18 17.88
C ASN A 392 5.68 11.51 17.49
N ARG A 393 5.89 12.67 16.87
CA ARG A 393 7.24 13.09 16.47
C ARG A 393 8.07 13.54 17.68
N ILE A 394 7.42 14.25 18.63
CA ILE A 394 8.08 14.64 19.88
C ILE A 394 8.58 13.39 20.58
N ASP A 395 7.71 12.38 20.68
CA ASP A 395 8.04 11.13 21.39
C ASP A 395 9.25 10.48 20.74
N TYR A 396 9.21 10.41 19.41
CA TYR A 396 10.28 9.82 18.59
C TYR A 396 11.59 10.56 18.84
N LEU A 397 11.60 11.88 18.72
CA LEU A 397 12.83 12.64 18.91
C LEU A 397 13.35 12.50 20.35
N LYS A 398 12.45 12.68 21.33
CA LYS A 398 12.87 12.63 22.73
C LYS A 398 13.59 11.34 23.02
N ALA A 399 13.01 10.22 22.61
CA ALA A 399 13.62 8.91 22.83
C ALA A 399 15.02 8.74 22.22
N HIS A 400 15.22 9.28 21.02
CA HIS A 400 16.50 9.11 20.34
C HIS A 400 17.52 10.07 20.92
N ILE A 401 17.09 11.29 21.24
CA ILE A 401 17.98 12.25 21.90
C ILE A 401 18.43 11.64 23.24
N GLY A 402 17.53 10.95 23.95
CA GLY A 402 17.85 10.27 25.21
C GLY A 402 18.92 9.19 25.07
N GLN A 403 18.80 8.38 24.01
CA GLN A 403 19.78 7.33 23.72
C GLN A 403 21.13 7.91 23.27
N ALA A 404 21.10 8.99 22.50
CA ALA A 404 22.33 9.70 22.14
C ALA A 404 23.06 10.23 23.39
N TRP A 405 22.27 10.76 24.33
CA TRP A 405 22.78 11.24 25.61
C TRP A 405 23.55 10.13 26.30
N LYS A 406 22.97 8.93 26.29
CA LYS A 406 23.55 7.75 26.91
C LYS A 406 24.92 7.43 26.34
N ALA A 407 24.97 7.31 25.01
CA ALA A 407 26.22 7.09 24.30
C ALA A 407 27.31 8.08 24.72
N ILE A 408 26.95 9.36 24.86
CA ILE A 408 27.92 10.35 25.34
C ILE A 408 28.45 10.04 26.74
N GLN A 409 27.55 9.61 27.64
CA GLN A 409 27.95 9.32 29.03
C GLN A 409 28.96 8.14 29.05
N GLU A 410 28.84 7.24 28.07
CA GLU A 410 29.73 6.08 27.96
C GLU A 410 30.90 6.33 27.02
N GLY A 411 31.19 7.60 26.72
CA GLY A 411 32.45 7.95 26.08
C GLY A 411 32.44 8.18 24.58
N VAL A 412 31.27 8.16 23.94
CA VAL A 412 31.24 8.39 22.49
C VAL A 412 31.43 9.89 22.26
N PRO A 413 32.42 10.27 21.41
CA PRO A 413 32.68 11.67 21.15
C PRO A 413 31.67 12.32 20.17
N LEU A 414 30.38 12.23 20.53
CA LEU A 414 29.29 12.89 19.77
C LEU A 414 29.29 14.38 20.02
N LYS A 415 29.49 15.15 18.96
CA LYS A 415 29.62 16.61 19.07
C LYS A 415 28.37 17.39 18.67
N GLY A 416 27.41 16.72 18.04
CA GLY A 416 26.22 17.43 17.58
C GLY A 416 25.17 16.44 17.15
N TYR A 417 23.97 16.94 16.93
CA TYR A 417 22.82 16.12 16.58
C TYR A 417 21.91 17.00 15.71
N PHE A 418 21.53 16.48 14.52
CA PHE A 418 20.77 17.25 13.51
C PHE A 418 19.43 16.58 13.24
N VAL A 419 18.35 17.34 13.41
CA VAL A 419 17.03 16.77 13.17
C VAL A 419 16.78 16.80 11.65
N TRP A 420 16.37 15.68 11.08
CA TRP A 420 15.83 15.69 9.71
C TRP A 420 14.32 15.77 9.89
N SER A 421 13.67 16.87 9.49
CA SER A 421 14.24 18.02 8.75
C SER A 421 13.70 19.34 9.31
N LEU A 422 14.32 20.47 8.97
CA LEU A 422 13.69 21.75 9.31
C LEU A 422 12.26 21.77 8.76
N LEU A 423 12.11 21.39 7.49
CA LEU A 423 10.86 21.59 6.73
C LEU A 423 10.33 20.28 6.13
N ASP A 424 9.01 20.15 6.04
CA ASP A 424 8.44 19.10 5.17
C ASP A 424 8.97 19.42 3.76
N ASN A 425 9.27 18.40 2.98
CA ASN A 425 9.92 18.62 1.69
C ASN A 425 9.70 17.47 0.72
N PHE A 426 10.32 17.55 -0.45
CA PHE A 426 10.23 16.49 -1.47
C PHE A 426 11.01 15.26 -1.00
N GLU A 427 10.32 14.18 -0.68
CA GLU A 427 11.02 13.03 -0.12
C GLU A 427 11.29 12.01 -1.23
N TRP A 428 12.11 12.44 -2.21
CA TRP A 428 12.64 11.55 -3.24
C TRP A 428 11.50 10.77 -3.93
N ALA A 429 11.61 9.46 -4.03
CA ALA A 429 10.59 8.68 -4.76
C ALA A 429 9.20 8.69 -4.12
N GLU A 430 9.10 9.13 -2.86
CA GLU A 430 7.79 9.29 -2.20
C GLU A 430 7.13 10.64 -2.50
N GLY A 431 7.85 11.53 -3.19
CA GLY A 431 7.38 12.91 -3.41
C GLY A 431 6.98 13.60 -2.11
N TYR A 432 5.97 14.46 -2.18
CA TYR A 432 5.47 15.24 -1.04
C TYR A 432 4.62 14.47 -0.03
N SER A 433 4.39 13.18 -0.28
CA SER A 433 3.51 12.37 0.56
C SER A 433 4.08 12.09 1.96
N LYS A 434 5.37 12.38 2.19
CA LYS A 434 6.00 12.11 3.49
C LYS A 434 6.60 13.37 4.09
N ARG A 435 6.05 13.75 5.25
CA ARG A 435 6.40 14.97 5.96
C ARG A 435 7.32 14.66 7.14
N PHE A 436 8.56 15.15 7.06
CA PHE A 436 9.59 14.96 8.08
C PHE A 436 9.91 16.23 8.88
N GLY A 437 9.30 17.35 8.54
CA GLY A 437 9.69 18.61 9.14
C GLY A 437 9.32 18.76 10.61
N ILE A 438 10.00 19.67 11.30
CA ILE A 438 9.54 20.17 12.57
C ILE A 438 8.78 21.49 12.28
N VAL A 439 8.78 21.85 11.00
CA VAL A 439 8.00 22.94 10.46
C VAL A 439 7.16 22.36 9.30
N TYR A 440 5.85 22.57 9.41
CA TYR A 440 4.89 22.15 8.41
C TYR A 440 4.89 23.13 7.26
N VAL A 441 4.83 22.61 6.04
CA VAL A 441 4.75 23.46 4.87
C VAL A 441 3.41 23.19 4.16
N ASP A 442 2.60 24.24 4.08
CA ASP A 442 1.40 24.18 3.24
C ASP A 442 1.84 24.50 1.84
N TYR A 443 1.85 23.48 0.98
CA TYR A 443 2.39 23.64 -0.37
C TYR A 443 1.52 24.52 -1.25
N SER A 444 0.23 24.64 -0.94
CA SER A 444 -0.63 25.55 -1.76
C SER A 444 -0.30 27.04 -1.57
N THR A 445 0.23 27.40 -0.40
CA THR A 445 0.51 28.80 -0.08
C THR A 445 1.99 29.04 0.25
N GLN A 446 2.73 27.95 0.45
CA GLN A 446 4.09 27.95 1.01
C GLN A 446 4.19 28.48 2.45
N LYS A 447 3.05 28.56 3.13
CA LYS A 447 3.05 28.93 4.55
C LYS A 447 3.82 27.91 5.38
N ARG A 448 4.68 28.39 6.27
CA ARG A 448 5.35 27.56 7.27
C ARG A 448 4.59 27.69 8.59
N ILE A 449 4.29 26.55 9.20
CA ILE A 449 3.69 26.47 10.50
C ILE A 449 4.58 25.62 11.40
N VAL A 450 5.21 26.25 12.41
CA VAL A 450 6.07 25.49 13.32
C VAL A 450 5.24 24.43 14.05
N LYS A 451 5.63 23.18 13.95
CA LYS A 451 4.91 22.10 14.62
C LYS A 451 5.29 22.05 16.11
N ASP A 452 4.47 21.35 16.87
CA ASP A 452 4.73 21.20 18.31
C ASP A 452 6.14 20.66 18.53
N SER A 453 6.57 19.75 17.64
CA SER A 453 7.91 19.16 17.73
C SER A 453 9.01 20.24 17.54
N GLY A 454 8.78 21.23 16.69
CA GLY A 454 9.74 22.35 16.52
C GLY A 454 9.85 23.18 17.80
N TYR A 455 8.69 23.47 18.40
CA TYR A 455 8.68 24.18 19.67
C TYR A 455 9.39 23.40 20.75
N TRP A 456 9.05 22.12 20.87
CA TRP A 456 9.66 21.21 21.82
C TRP A 456 11.18 21.16 21.64
N TYR A 457 11.61 21.06 20.39
CA TYR A 457 13.03 20.99 20.09
C TYR A 457 13.74 22.24 20.47
N SER A 458 13.12 23.39 20.24
CA SER A 458 13.74 24.69 20.57
C SER A 458 14.05 24.80 22.06
N ASN A 459 13.22 24.16 22.88
CA ASN A 459 13.37 24.16 24.32
C ASN A 459 14.50 23.23 24.71
N VAL A 460 14.57 22.08 24.05
CA VAL A 460 15.74 21.21 24.20
C VAL A 460 17.04 21.97 23.90
N VAL A 461 17.09 22.69 22.78
CA VAL A 461 18.29 23.43 22.43
C VAL A 461 18.62 24.51 23.46
N LYS A 462 17.64 25.34 23.79
CA LYS A 462 17.79 26.35 24.85
C LYS A 462 18.30 25.74 26.18
N ASN A 463 17.76 24.58 26.56
CA ASN A 463 18.18 23.92 27.80
C ASN A 463 19.44 23.07 27.65
N ASN A 464 19.98 23.01 26.43
CA ASN A 464 21.07 22.09 26.11
C ASN A 464 20.80 20.66 26.57
N GLY A 465 19.55 20.23 26.46
CA GLY A 465 19.20 18.83 26.73
C GLY A 465 17.77 18.59 27.16
N LEU A 466 17.49 17.39 27.67
CA LEU A 466 16.15 16.95 28.06
C LEU A 466 15.92 17.13 29.57
N GLU A 467 14.65 17.21 29.97
CA GLU A 467 14.28 17.34 31.39
C GLU A 467 12.97 16.59 31.70
N VAL B 25 4.48 -0.20 1.13
CA VAL B 25 3.61 -0.39 -0.08
C VAL B 25 3.36 -1.87 -0.41
N LYS B 26 2.17 -2.12 -0.96
CA LYS B 26 1.71 -3.47 -1.25
C LYS B 26 1.22 -3.50 -2.69
N LYS B 27 2.09 -3.98 -3.57
CA LYS B 27 1.74 -4.04 -4.99
C LYS B 27 1.22 -5.43 -5.31
N PHE B 28 0.21 -5.46 -6.18
CA PHE B 28 -0.41 -6.73 -6.55
C PHE B 28 0.23 -7.24 -7.83
N PRO B 29 0.13 -8.57 -8.09
CA PRO B 29 0.65 -9.17 -9.30
C PRO B 29 0.22 -8.43 -10.54
N GLU B 30 0.97 -8.61 -11.61
CA GLU B 30 0.67 -7.98 -12.88
C GLU B 30 -0.60 -8.62 -13.44
N GLY B 31 -1.48 -7.78 -13.97
CA GLY B 31 -2.76 -8.23 -14.51
C GLY B 31 -3.86 -8.49 -13.47
N PHE B 32 -3.59 -8.14 -12.21
CA PHE B 32 -4.59 -8.23 -11.14
C PHE B 32 -5.81 -7.40 -11.49
N LEU B 33 -7.01 -7.95 -11.27
CA LEU B 33 -8.24 -7.33 -11.73
C LEU B 33 -8.95 -6.62 -10.59
N TRP B 34 -9.17 -5.31 -10.75
CA TRP B 34 -9.83 -4.51 -9.72
C TRP B 34 -11.20 -4.19 -10.21
N GLY B 35 -12.22 -4.55 -9.44
CA GLY B 35 -13.58 -4.37 -9.91
C GLY B 35 -14.51 -3.74 -8.90
N VAL B 36 -15.73 -3.47 -9.37
CA VAL B 36 -16.85 -3.17 -8.48
C VAL B 36 -18.01 -4.14 -8.81
N ALA B 37 -18.91 -4.35 -7.86
CA ALA B 37 -20.00 -5.33 -8.04
C ALA B 37 -21.40 -4.73 -7.75
N THR B 38 -22.39 -5.22 -8.50
CA THR B 38 -23.81 -4.93 -8.24
C THR B 38 -24.66 -6.20 -8.49
N ALA B 39 -25.97 -6.09 -8.24
CA ALA B 39 -26.91 -7.15 -8.60
C ALA B 39 -28.14 -6.54 -9.26
N SER B 40 -28.72 -7.22 -10.26
CA SER B 40 -29.89 -6.70 -11.00
C SER B 40 -31.00 -6.10 -10.13
N TYR B 41 -31.60 -6.92 -9.24
CA TYR B 41 -32.72 -6.41 -8.42
C TYR B 41 -32.34 -5.27 -7.46
N GLN B 42 -31.07 -5.22 -7.04
CA GLN B 42 -30.68 -4.22 -6.06
C GLN B 42 -30.53 -2.81 -6.65
N ILE B 43 -30.27 -2.76 -7.95
CA ILE B 43 -30.00 -1.47 -8.63
C ILE B 43 -30.94 -1.05 -9.73
N GLU B 44 -31.59 -1.99 -10.40
CA GLU B 44 -32.23 -1.68 -11.68
C GLU B 44 -33.53 -0.88 -11.62
N GLY B 45 -34.48 -1.28 -10.76
CA GLY B 45 -35.84 -0.79 -10.87
C GLY B 45 -36.49 -1.23 -12.17
N SER B 46 -37.68 -0.68 -12.46
CA SER B 46 -38.45 -1.13 -13.63
C SER B 46 -38.50 -2.66 -13.75
N PRO B 47 -38.90 -3.35 -12.65
CA PRO B 47 -38.85 -4.82 -12.70
C PRO B 47 -39.80 -5.44 -13.76
N LEU B 48 -40.87 -4.73 -14.11
CA LEU B 48 -41.85 -5.23 -15.07
C LEU B 48 -41.79 -4.50 -16.42
N ALA B 49 -40.81 -3.63 -16.61
CA ALA B 49 -40.69 -2.92 -17.89
C ALA B 49 -40.34 -3.82 -19.03
N ASP B 50 -40.87 -3.51 -20.21
CA ASP B 50 -40.43 -4.08 -21.49
C ASP B 50 -40.60 -5.60 -21.52
N GLY B 51 -41.74 -6.03 -20.97
CA GLY B 51 -42.17 -7.43 -21.05
C GLY B 51 -41.55 -8.39 -20.05
N ALA B 52 -40.86 -7.85 -19.05
CA ALA B 52 -40.25 -8.68 -17.99
C ALA B 52 -41.29 -9.37 -17.12
N GLY B 53 -41.02 -10.64 -16.77
CA GLY B 53 -41.90 -11.36 -15.84
C GLY B 53 -41.51 -10.97 -14.43
N MET B 54 -42.40 -11.21 -13.48
CA MET B 54 -42.12 -10.93 -12.09
C MET B 54 -41.05 -11.87 -11.59
N SER B 55 -40.25 -11.40 -10.64
CA SER B 55 -39.27 -12.25 -9.94
C SER B 55 -39.82 -12.52 -8.56
N ILE B 56 -39.20 -13.46 -7.85
CA ILE B 56 -39.60 -13.72 -6.47
C ILE B 56 -39.28 -12.56 -5.55
N TRP B 57 -38.37 -11.67 -5.95
CA TRP B 57 -38.11 -10.54 -5.08
C TRP B 57 -39.17 -9.44 -5.24
N HIS B 58 -39.74 -9.33 -6.43
CA HIS B 58 -40.87 -8.42 -6.60
C HIS B 58 -42.02 -8.82 -5.68
N THR B 59 -42.42 -10.09 -5.73
CA THR B 59 -43.57 -10.56 -4.97
C THR B 59 -43.29 -10.60 -3.47
N PHE B 60 -42.06 -10.98 -3.10
CA PHE B 60 -41.63 -11.02 -1.69
C PHE B 60 -41.59 -9.60 -1.09
N SER B 61 -41.02 -8.63 -1.79
CA SER B 61 -40.96 -7.29 -1.21
C SER B 61 -42.32 -6.57 -1.31
N HIS B 62 -43.19 -7.00 -2.23
CA HIS B 62 -44.55 -6.44 -2.28
C HIS B 62 -45.50 -7.10 -1.27
N THR B 63 -44.96 -8.04 -0.49
CA THR B 63 -45.66 -8.63 0.65
C THR B 63 -45.34 -7.83 1.90
N PRO B 64 -46.38 -7.30 2.57
CA PRO B 64 -46.15 -6.52 3.77
C PRO B 64 -45.47 -7.31 4.88
N GLY B 65 -44.49 -6.70 5.52
CA GLY B 65 -43.84 -7.35 6.64
C GLY B 65 -42.54 -8.03 6.31
N ASN B 66 -42.21 -8.14 5.03
CA ASN B 66 -40.99 -8.84 4.62
C ASN B 66 -39.74 -7.96 4.53
N VAL B 67 -39.93 -6.67 4.19
CA VAL B 67 -38.80 -5.74 4.00
C VAL B 67 -38.97 -4.50 4.90
N LYS B 68 -37.87 -4.02 5.47
CA LYS B 68 -37.88 -2.86 6.34
C LYS B 68 -38.58 -1.72 5.63
N ASN B 69 -39.41 -0.99 6.37
CA ASN B 69 -40.05 0.23 5.85
C ASN B 69 -40.89 -0.02 4.61
N GLY B 70 -41.20 -1.29 4.32
CA GLY B 70 -41.94 -1.62 3.11
C GLY B 70 -41.24 -1.29 1.80
N ASP B 71 -39.92 -1.22 1.79
CA ASP B 71 -39.17 -0.90 0.57
C ASP B 71 -39.27 -2.01 -0.44
N THR B 72 -39.19 -1.67 -1.73
CA THR B 72 -39.20 -2.65 -2.81
C THR B 72 -38.10 -2.25 -3.80
N GLY B 73 -37.93 -3.06 -4.83
CA GLY B 73 -36.97 -2.73 -5.90
C GLY B 73 -37.63 -2.12 -7.11
N ASP B 74 -38.81 -1.53 -6.90
CA ASP B 74 -39.59 -0.92 -7.98
C ASP B 74 -38.79 0.14 -8.71
N VAL B 75 -38.05 0.92 -7.94
CA VAL B 75 -37.26 2.02 -8.50
C VAL B 75 -35.77 1.82 -8.24
N ALA B 76 -35.41 1.59 -6.98
CA ALA B 76 -34.02 1.37 -6.58
C ALA B 76 -33.15 2.53 -7.08
N CYS B 77 -32.11 2.24 -7.85
CA CYS B 77 -31.22 3.28 -8.37
C CYS B 77 -31.60 3.70 -9.78
N ASP B 78 -32.69 3.13 -10.29
CA ASP B 78 -33.12 3.37 -11.67
C ASP B 78 -31.97 3.18 -12.63
N HIS B 79 -31.15 2.15 -12.39
CA HIS B 79 -30.07 1.77 -13.31
C HIS B 79 -30.64 1.28 -14.63
N TYR B 80 -31.90 0.83 -14.61
CA TYR B 80 -32.55 0.45 -15.87
C TYR B 80 -32.52 1.62 -16.87
N ASN B 81 -32.55 2.83 -16.32
CA ASN B 81 -32.51 4.02 -17.17
C ASN B 81 -31.14 4.71 -17.16
N ARG B 82 -30.43 4.64 -16.04
CA ARG B 82 -29.23 5.43 -15.84
C ARG B 82 -27.95 4.64 -16.01
N TRP B 83 -28.06 3.52 -16.71
CA TRP B 83 -26.95 2.58 -16.86
C TRP B 83 -25.70 3.22 -17.46
N LYS B 84 -25.87 4.11 -18.45
CA LYS B 84 -24.71 4.73 -19.15
C LYS B 84 -23.91 5.61 -18.21
N GLU B 85 -24.60 6.47 -17.46
CA GLU B 85 -23.97 7.30 -16.43
C GLU B 85 -23.16 6.42 -15.47
N ASP B 86 -23.79 5.34 -15.00
CA ASP B 86 -23.17 4.50 -13.98
C ASP B 86 -21.90 3.82 -14.49
N ILE B 87 -21.94 3.39 -15.75
CA ILE B 87 -20.77 2.80 -16.40
C ILE B 87 -19.71 3.89 -16.60
N GLU B 88 -20.15 5.12 -16.88
CA GLU B 88 -19.23 6.24 -17.00
C GLU B 88 -18.51 6.55 -15.70
N ILE B 89 -19.17 6.35 -14.56
CA ILE B 89 -18.51 6.48 -13.25
C ILE B 89 -17.42 5.42 -13.08
N ILE B 90 -17.72 4.20 -13.51
CA ILE B 90 -16.70 3.15 -13.49
C ILE B 90 -15.52 3.61 -14.36
N GLU B 91 -15.82 4.04 -15.59
CA GLU B 91 -14.79 4.53 -16.52
C GLU B 91 -13.97 5.69 -15.91
N LYS B 92 -14.66 6.70 -15.38
CA LYS B 92 -14.01 7.86 -14.76
C LYS B 92 -13.13 7.49 -13.56
N LEU B 93 -13.52 6.46 -12.81
CA LEU B 93 -12.71 6.03 -11.67
C LEU B 93 -11.61 5.05 -12.09
N GLY B 94 -11.64 4.66 -13.37
CA GLY B 94 -10.62 3.75 -13.93
C GLY B 94 -10.73 2.29 -13.50
N VAL B 95 -11.77 1.96 -12.71
CA VAL B 95 -12.00 0.56 -12.30
C VAL B 95 -12.00 -0.32 -13.55
N LYS B 96 -11.35 -1.47 -13.49
CA LYS B 96 -11.14 -2.23 -14.72
C LYS B 96 -12.15 -3.35 -14.96
N ALA B 97 -12.85 -3.78 -13.91
CA ALA B 97 -13.88 -4.84 -14.06
C ALA B 97 -15.20 -4.45 -13.41
N TYR B 98 -16.30 -4.96 -13.98
CA TYR B 98 -17.63 -4.76 -13.40
C TYR B 98 -18.31 -6.11 -13.29
N ARG B 99 -18.61 -6.49 -12.06
CA ARG B 99 -19.39 -7.70 -11.76
C ARG B 99 -20.84 -7.25 -11.67
N PHE B 100 -21.68 -7.74 -12.59
CA PHE B 100 -23.12 -7.42 -12.55
C PHE B 100 -23.93 -8.69 -12.81
N SER B 101 -25.21 -8.66 -12.40
CA SER B 101 -26.05 -9.83 -12.65
C SER B 101 -27.13 -9.59 -13.66
N ILE B 102 -27.57 -10.67 -14.28
CA ILE B 102 -28.64 -10.62 -15.24
C ILE B 102 -29.94 -11.12 -14.57
N SER B 103 -31.01 -10.35 -14.78
CA SER B 103 -32.34 -10.70 -14.29
C SER B 103 -32.91 -11.79 -15.16
N TRP B 104 -33.00 -13.01 -14.61
CA TRP B 104 -33.60 -14.13 -15.34
C TRP B 104 -34.95 -13.81 -15.99
N PRO B 105 -35.93 -13.26 -15.21
CA PRO B 105 -37.25 -12.97 -15.81
C PRO B 105 -37.35 -11.80 -16.79
N ARG B 106 -36.28 -11.01 -16.94
CA ARG B 106 -36.17 -10.06 -18.06
C ARG B 106 -35.89 -10.82 -19.34
N ILE B 107 -35.16 -11.92 -19.22
CA ILE B 107 -34.75 -12.70 -20.37
C ILE B 107 -35.80 -13.73 -20.75
N LEU B 108 -36.29 -14.45 -19.74
CA LEU B 108 -37.32 -15.46 -19.95
C LEU B 108 -38.41 -15.18 -18.96
N PRO B 109 -39.40 -14.36 -19.36
CA PRO B 109 -40.43 -13.91 -18.42
C PRO B 109 -41.17 -15.04 -17.73
N GLU B 110 -41.30 -16.18 -18.42
CA GLU B 110 -41.97 -17.37 -17.86
CA GLU B 110 -41.97 -17.37 -17.86
C GLU B 110 -40.96 -18.39 -17.30
N GLY B 111 -39.72 -17.96 -17.12
CA GLY B 111 -38.68 -18.86 -16.64
C GLY B 111 -38.07 -19.75 -17.73
N THR B 112 -38.90 -20.34 -18.58
CA THR B 112 -38.41 -21.12 -19.71
C THR B 112 -39.25 -20.66 -20.92
N GLY B 113 -38.82 -21.05 -22.11
CA GLY B 113 -39.65 -20.84 -23.30
C GLY B 113 -39.26 -19.60 -24.08
N ARG B 114 -40.21 -18.68 -24.15
CA ARG B 114 -40.09 -17.49 -24.98
C ARG B 114 -39.02 -16.56 -24.44
N VAL B 115 -38.05 -16.22 -25.29
CA VAL B 115 -37.00 -15.27 -24.95
C VAL B 115 -37.48 -13.83 -25.18
N ASN B 116 -37.13 -12.93 -24.27
CA ASN B 116 -37.58 -11.56 -24.38
C ASN B 116 -36.47 -10.74 -25.04
N GLN B 117 -36.71 -10.34 -26.28
CA GLN B 117 -35.70 -9.62 -27.06
C GLN B 117 -35.30 -8.31 -26.36
N LYS B 118 -36.27 -7.62 -25.77
CA LYS B 118 -35.93 -6.39 -25.07
C LYS B 118 -35.04 -6.58 -23.83
N GLY B 119 -35.11 -7.74 -23.21
CA GLY B 119 -34.25 -8.04 -22.06
C GLY B 119 -32.86 -8.32 -22.59
N LEU B 120 -32.78 -9.00 -23.73
CA LEU B 120 -31.48 -9.15 -24.38
C LEU B 120 -30.86 -7.78 -24.73
N ASP B 121 -31.69 -6.91 -25.32
CA ASP B 121 -31.27 -5.57 -25.73
C ASP B 121 -30.65 -4.82 -24.55
N PHE B 122 -31.33 -4.84 -23.40
CA PHE B 122 -30.87 -4.10 -22.24
C PHE B 122 -29.46 -4.45 -21.83
N TYR B 123 -29.16 -5.75 -21.76
CA TYR B 123 -27.85 -6.17 -21.27
C TYR B 123 -26.78 -6.06 -22.36
N ASN B 124 -27.14 -6.31 -23.63
CA ASN B 124 -26.18 -6.12 -24.74
C ASN B 124 -25.61 -4.69 -24.82
N ARG B 125 -26.45 -3.68 -24.65
CA ARG B 125 -25.97 -2.29 -24.55
C ARG B 125 -25.00 -2.09 -23.40
N ILE B 126 -25.22 -2.77 -22.27
CA ILE B 126 -24.34 -2.63 -21.12
C ILE B 126 -23.03 -3.32 -21.40
N ILE B 127 -23.10 -4.52 -21.97
CA ILE B 127 -21.93 -5.28 -22.40
C ILE B 127 -21.11 -4.51 -23.46
N ASP B 128 -21.76 -4.02 -24.51
CA ASP B 128 -21.03 -3.24 -25.55
C ASP B 128 -20.33 -1.99 -25.01
N THR B 129 -20.99 -1.28 -24.09
CA THR B 129 -20.44 -0.07 -23.49
C THR B 129 -19.24 -0.39 -22.62
N LEU B 130 -19.37 -1.43 -21.80
CA LEU B 130 -18.25 -1.85 -20.95
C LEU B 130 -17.04 -2.25 -21.80
N LEU B 131 -17.26 -2.97 -22.90
CA LEU B 131 -16.15 -3.36 -23.78
C LEU B 131 -15.54 -2.14 -24.52
N GLU B 132 -16.40 -1.21 -24.96
CA GLU B 132 -15.95 0.04 -25.58
CA GLU B 132 -16.01 0.08 -25.55
C GLU B 132 -15.06 0.85 -24.65
N LYS B 133 -15.35 0.83 -23.35
CA LYS B 133 -14.56 1.59 -22.41
C LYS B 133 -13.43 0.78 -21.80
N GLY B 134 -13.22 -0.42 -22.33
CA GLY B 134 -12.19 -1.31 -21.76
C GLY B 134 -12.42 -1.77 -20.32
N ILE B 135 -13.70 -1.91 -19.92
CA ILE B 135 -14.03 -2.50 -18.60
C ILE B 135 -14.41 -3.97 -18.81
N THR B 136 -13.76 -4.89 -18.06
CA THR B 136 -14.03 -6.33 -18.19
C THR B 136 -15.32 -6.75 -17.44
N PRO B 137 -16.32 -7.28 -18.18
CA PRO B 137 -17.54 -7.81 -17.54
C PRO B 137 -17.35 -9.16 -16.81
N PHE B 138 -17.76 -9.21 -15.55
CA PHE B 138 -17.99 -10.48 -14.86
C PHE B 138 -19.48 -10.64 -14.66
N VAL B 139 -20.11 -11.57 -15.38
CA VAL B 139 -21.55 -11.74 -15.29
C VAL B 139 -21.98 -12.83 -14.31
N THR B 140 -22.81 -12.42 -13.34
CA THR B 140 -23.47 -13.35 -12.41
C THR B 140 -24.79 -13.76 -13.04
N ILE B 141 -24.90 -15.04 -13.39
CA ILE B 141 -26.09 -15.56 -14.06
C ILE B 141 -27.28 -15.47 -13.09
N TYR B 142 -27.06 -15.87 -11.85
CA TYR B 142 -28.15 -15.87 -10.85
C TYR B 142 -27.80 -15.15 -9.60
N HIS B 143 -28.41 -13.99 -9.39
CA HIS B 143 -28.22 -13.26 -8.13
C HIS B 143 -29.58 -13.00 -7.44
N TRP B 144 -30.38 -14.09 -7.38
CA TRP B 144 -31.48 -14.29 -6.43
C TRP B 144 -32.85 -13.93 -6.97
N ASP B 145 -32.90 -13.35 -8.15
CA ASP B 145 -34.19 -12.90 -8.70
C ASP B 145 -34.82 -13.96 -9.61
N LEU B 146 -35.20 -15.07 -8.98
CA LEU B 146 -35.80 -16.20 -9.70
C LEU B 146 -37.10 -15.71 -10.33
N PRO B 147 -37.42 -16.14 -11.57
CA PRO B 147 -38.74 -15.86 -12.13
C PRO B 147 -39.84 -16.41 -11.22
N PHE B 148 -40.85 -15.58 -10.97
CA PHE B 148 -41.99 -16.00 -10.18
C PHE B 148 -42.67 -17.25 -10.77
N ALA B 149 -42.75 -17.32 -12.10
CA ALA B 149 -43.36 -18.46 -12.80
C ALA B 149 -42.71 -19.79 -12.39
N LEU B 150 -41.41 -19.75 -12.11
CA LEU B 150 -40.71 -20.97 -11.69
C LEU B 150 -40.87 -21.28 -10.20
N GLN B 151 -41.03 -20.25 -9.36
CA GLN B 151 -41.41 -20.43 -7.96
C GLN B 151 -42.77 -21.14 -7.82
N LEU B 152 -43.71 -20.81 -8.70
CA LEU B 152 -45.02 -21.49 -8.72
C LEU B 152 -44.87 -22.97 -8.96
N LYS B 153 -43.76 -23.36 -9.59
CA LYS B 153 -43.44 -24.79 -9.84
C LYS B 153 -42.42 -25.36 -8.82
N GLY B 154 -42.24 -24.66 -7.71
CA GLY B 154 -41.40 -25.17 -6.61
C GLY B 154 -40.03 -24.51 -6.57
N GLY B 155 -39.69 -23.76 -7.63
CA GLY B 155 -38.40 -23.05 -7.61
C GLY B 155 -37.25 -23.98 -7.30
N TRP B 156 -36.35 -23.57 -6.40
CA TRP B 156 -35.13 -24.35 -6.11
C TRP B 156 -35.41 -25.67 -5.43
N ALA B 157 -36.63 -25.86 -4.96
CA ALA B 157 -37.04 -27.15 -4.38
C ALA B 157 -37.26 -28.24 -5.44
N ASN B 158 -37.49 -27.82 -6.69
CA ASN B 158 -37.88 -28.79 -7.72
C ASN B 158 -36.66 -29.24 -8.50
N ARG B 159 -36.40 -30.55 -8.55
CA ARG B 159 -35.23 -31.08 -9.30
C ARG B 159 -35.18 -30.57 -10.72
N GLU B 160 -36.34 -30.26 -11.30
CA GLU B 160 -36.41 -29.78 -12.70
CA GLU B 160 -36.39 -29.80 -12.68
C GLU B 160 -35.69 -28.45 -12.90
N ILE B 161 -35.41 -27.73 -11.82
CA ILE B 161 -34.71 -26.45 -11.95
C ILE B 161 -33.32 -26.64 -12.57
N ALA B 162 -32.71 -27.82 -12.45
CA ALA B 162 -31.45 -28.06 -13.15
C ALA B 162 -31.61 -27.86 -14.66
N ASP B 163 -32.74 -28.31 -15.21
CA ASP B 163 -33.08 -28.12 -16.62
CA ASP B 163 -33.01 -28.15 -16.63
C ASP B 163 -33.39 -26.67 -16.94
N TRP B 164 -34.24 -26.07 -16.11
CA TRP B 164 -34.64 -24.66 -16.34
C TRP B 164 -33.39 -23.75 -16.32
N PHE B 165 -32.46 -24.04 -15.41
CA PHE B 165 -31.26 -23.23 -15.25
C PHE B 165 -30.27 -23.42 -16.39
N ALA B 166 -30.16 -24.65 -16.87
CA ALA B 166 -29.36 -24.98 -18.05
C ALA B 166 -29.89 -24.23 -19.30
N GLU B 167 -31.20 -24.23 -19.49
CA GLU B 167 -31.83 -23.56 -20.64
C GLU B 167 -31.61 -22.04 -20.59
N TYR B 168 -31.82 -21.46 -19.42
CA TYR B 168 -31.52 -20.07 -19.18
C TYR B 168 -30.04 -19.74 -19.43
N SER B 169 -29.13 -20.52 -18.85
CA SER B 169 -27.69 -20.32 -19.03
C SER B 169 -27.28 -20.35 -20.49
N ARG B 170 -27.82 -21.32 -21.23
CA ARG B 170 -27.59 -21.47 -22.66
C ARG B 170 -27.97 -20.20 -23.42
N VAL B 171 -29.12 -19.61 -23.07
CA VAL B 171 -29.58 -18.42 -23.76
C VAL B 171 -28.57 -17.27 -23.55
N LEU B 172 -28.17 -17.06 -22.31
CA LEU B 172 -27.12 -16.10 -21.98
C LEU B 172 -25.81 -16.42 -22.71
N PHE B 173 -25.43 -17.70 -22.78
CA PHE B 173 -24.13 -18.03 -23.36
C PHE B 173 -24.18 -17.77 -24.85
N GLU B 174 -25.28 -18.17 -25.48
CA GLU B 174 -25.40 -18.06 -26.93
C GLU B 174 -25.53 -16.60 -27.35
N ASN B 175 -26.19 -15.80 -26.53
CA ASN B 175 -26.38 -14.39 -26.85
C ASN B 175 -25.27 -13.45 -26.42
N PHE B 176 -24.58 -13.78 -25.33
CA PHE B 176 -23.66 -12.84 -24.73
C PHE B 176 -22.24 -13.34 -24.70
N GLY B 177 -22.06 -14.63 -24.96
CA GLY B 177 -20.77 -15.29 -24.73
C GLY B 177 -19.67 -14.93 -25.72
N ASP B 178 -20.04 -14.26 -26.81
CA ASP B 178 -19.07 -13.76 -27.79
C ASP B 178 -18.22 -12.62 -27.22
N ARG B 179 -18.79 -11.88 -26.27
CA ARG B 179 -18.13 -10.76 -25.62
C ARG B 179 -17.86 -10.97 -24.14
N VAL B 180 -18.74 -11.71 -23.45
CA VAL B 180 -18.51 -11.98 -22.04
C VAL B 180 -17.78 -13.31 -21.88
N LYS B 181 -16.62 -13.26 -21.23
CA LYS B 181 -15.75 -14.44 -21.14
C LYS B 181 -15.53 -14.84 -19.69
N ASN B 182 -16.12 -14.08 -18.77
CA ASN B 182 -15.98 -14.40 -17.35
C ASN B 182 -17.35 -14.51 -16.68
N TRP B 183 -17.66 -15.69 -16.15
CA TRP B 183 -19.05 -16.01 -15.78
C TRP B 183 -19.14 -16.64 -14.39
N ILE B 184 -20.23 -16.33 -13.69
CA ILE B 184 -20.49 -16.91 -12.37
C ILE B 184 -21.87 -17.55 -12.46
N THR B 185 -21.98 -18.82 -12.04
CA THR B 185 -23.28 -19.49 -12.13
C THR B 185 -24.21 -18.88 -11.08
N LEU B 186 -23.82 -19.00 -9.82
CA LEU B 186 -24.66 -18.66 -8.69
C LEU B 186 -23.95 -17.72 -7.72
N ASN B 187 -24.68 -16.71 -7.24
CA ASN B 187 -24.24 -15.95 -6.08
C ASN B 187 -24.77 -16.57 -4.78
N GLU B 188 -23.85 -17.11 -3.98
CA GLU B 188 -24.12 -17.47 -2.59
C GLU B 188 -25.30 -18.45 -2.47
N PRO B 189 -25.13 -19.66 -3.03
CA PRO B 189 -26.21 -20.66 -2.91
C PRO B 189 -26.61 -20.97 -1.45
N TRP B 190 -25.67 -20.85 -0.50
CA TRP B 190 -26.03 -21.02 0.91
C TRP B 190 -27.16 -20.05 1.33
N VAL B 191 -27.04 -18.78 0.92
CA VAL B 191 -28.05 -17.80 1.31
C VAL B 191 -29.36 -18.15 0.60
N VAL B 192 -29.27 -18.41 -0.69
CA VAL B 192 -30.44 -18.74 -1.50
C VAL B 192 -31.26 -19.87 -0.83
N ALA B 193 -30.56 -20.93 -0.45
CA ALA B 193 -31.16 -22.10 0.17
C ALA B 193 -31.59 -21.81 1.58
N ILE B 194 -30.64 -21.44 2.43
CA ILE B 194 -30.93 -21.39 3.86
C ILE B 194 -31.70 -20.13 4.26
N VAL B 195 -31.25 -18.98 3.78
CA VAL B 195 -31.93 -17.75 4.17
C VAL B 195 -33.29 -17.62 3.46
N GLY B 196 -33.38 -18.10 2.23
CA GLY B 196 -34.68 -17.99 1.52
C GLY B 196 -35.66 -19.08 1.87
N HIS B 197 -35.14 -20.25 2.33
CA HIS B 197 -36.03 -21.42 2.53
C HIS B 197 -36.00 -22.04 3.92
N LEU B 198 -35.05 -21.63 4.79
CA LEU B 198 -35.09 -22.09 6.19
C LEU B 198 -35.48 -20.96 7.14
N TYR B 199 -34.83 -19.81 7.01
CA TYR B 199 -35.09 -18.68 7.89
C TYR B 199 -36.27 -17.89 7.42
N GLY B 200 -36.55 -17.96 6.12
CA GLY B 200 -37.66 -17.22 5.51
C GLY B 200 -37.45 -15.70 5.44
N VAL B 201 -36.20 -15.26 5.54
CA VAL B 201 -35.83 -13.82 5.59
C VAL B 201 -35.65 -13.25 4.20
N HIS B 202 -35.32 -14.12 3.23
CA HIS B 202 -35.23 -13.74 1.83
C HIS B 202 -36.27 -14.49 1.00
N ALA B 203 -36.58 -13.97 -0.19
CA ALA B 203 -37.48 -14.70 -1.09
C ALA B 203 -36.96 -16.14 -1.33
N PRO B 204 -37.87 -17.11 -1.46
CA PRO B 204 -39.34 -17.01 -1.42
C PRO B 204 -39.98 -17.00 -0.01
N GLY B 205 -39.19 -16.81 1.04
CA GLY B 205 -39.74 -16.60 2.38
C GLY B 205 -40.32 -17.81 3.05
N MET B 206 -39.66 -18.96 2.86
CA MET B 206 -40.09 -20.25 3.39
CA MET B 206 -40.11 -20.23 3.42
C MET B 206 -39.26 -20.63 4.62
N ARG B 207 -39.86 -21.45 5.50
CA ARG B 207 -39.19 -22.01 6.66
C ARG B 207 -39.45 -23.51 6.74
N ASP B 208 -38.63 -24.29 6.03
CA ASP B 208 -38.77 -25.73 5.98
C ASP B 208 -37.40 -26.31 5.69
N ILE B 209 -36.86 -27.05 6.65
CA ILE B 209 -35.45 -27.46 6.57
C ILE B 209 -35.25 -28.55 5.52
N TYR B 210 -36.29 -29.34 5.26
CA TYR B 210 -36.22 -30.34 4.21
C TYR B 210 -36.18 -29.68 2.87
N VAL B 211 -37.00 -28.65 2.69
CA VAL B 211 -36.95 -27.91 1.43
C VAL B 211 -35.59 -27.21 1.26
N ALA B 212 -35.10 -26.60 2.33
CA ALA B 212 -33.85 -25.84 2.28
C ALA B 212 -32.69 -26.73 1.83
N PHE B 213 -32.60 -27.95 2.34
CA PHE B 213 -31.50 -28.86 1.89
C PHE B 213 -31.67 -29.43 0.50
N ARG B 214 -32.91 -29.58 0.07
CA ARG B 214 -33.15 -29.94 -1.31
C ARG B 214 -32.77 -28.80 -2.22
N ALA B 215 -33.02 -27.55 -1.78
CA ALA B 215 -32.50 -26.41 -2.54
C ALA B 215 -30.96 -26.39 -2.63
N VAL B 216 -30.27 -26.65 -1.52
CA VAL B 216 -28.79 -26.79 -1.52
C VAL B 216 -28.34 -27.73 -2.62
N HIS B 217 -28.99 -28.90 -2.66
CA HIS B 217 -28.67 -29.95 -3.61
C HIS B 217 -29.02 -29.59 -5.03
N ASN B 218 -30.21 -29.03 -5.25
CA ASN B 218 -30.60 -28.61 -6.60
C ASN B 218 -29.78 -27.41 -7.11
N LEU B 219 -29.31 -26.58 -6.20
CA LEU B 219 -28.39 -25.51 -6.61
C LEU B 219 -27.15 -26.10 -7.22
N LEU B 220 -26.54 -27.05 -6.53
CA LEU B 220 -25.33 -27.71 -7.05
C LEU B 220 -25.61 -28.38 -8.39
N ARG B 221 -26.73 -29.07 -8.49
CA ARG B 221 -27.07 -29.74 -9.73
C ARG B 221 -27.26 -28.75 -10.90
N ALA B 222 -27.92 -27.62 -10.65
CA ALA B 222 -28.16 -26.60 -11.68
C ALA B 222 -26.83 -25.92 -12.09
N HIS B 223 -26.04 -25.56 -11.09
CA HIS B 223 -24.68 -25.09 -11.35
C HIS B 223 -23.89 -25.98 -12.33
N ALA B 224 -23.84 -27.28 -12.03
CA ALA B 224 -23.03 -28.20 -12.83
C ALA B 224 -23.57 -28.35 -14.25
N ARG B 225 -24.90 -28.36 -14.39
CA ARG B 225 -25.53 -28.37 -15.70
C ARG B 225 -25.16 -27.13 -16.51
N ALA B 226 -25.12 -25.97 -15.86
CA ALA B 226 -24.75 -24.72 -16.52
C ALA B 226 -23.29 -24.76 -16.98
N VAL B 227 -22.41 -25.27 -16.13
CA VAL B 227 -20.99 -25.38 -16.50
C VAL B 227 -20.85 -26.29 -17.73
N LYS B 228 -21.48 -27.46 -17.69
CA LYS B 228 -21.51 -28.39 -18.83
C LYS B 228 -21.98 -27.73 -20.12
N VAL B 229 -23.05 -26.94 -20.06
CA VAL B 229 -23.53 -26.18 -21.22
C VAL B 229 -22.49 -25.14 -21.63
N PHE B 230 -21.83 -24.53 -20.64
CA PHE B 230 -20.82 -23.51 -20.90
C PHE B 230 -19.70 -24.09 -21.79
N ARG B 231 -19.25 -25.30 -21.48
CA ARG B 231 -18.16 -25.93 -22.26
C ARG B 231 -18.53 -26.13 -23.73
N GLU B 232 -19.83 -26.32 -23.98
CA GLU B 232 -20.42 -26.48 -25.31
C GLU B 232 -20.59 -25.17 -26.10
N THR B 233 -20.60 -24.02 -25.43
CA THR B 233 -21.10 -22.80 -26.06
C THR B 233 -20.16 -21.59 -25.99
N VAL B 234 -19.28 -21.54 -25.00
CA VAL B 234 -18.38 -20.39 -24.93
C VAL B 234 -16.92 -20.77 -25.12
N LYS B 235 -16.30 -20.10 -26.10
CA LYS B 235 -14.91 -20.25 -26.50
C LYS B 235 -14.05 -19.35 -25.62
N ASP B 236 -12.94 -19.86 -25.08
CA ASP B 236 -12.00 -19.01 -24.35
C ASP B 236 -12.67 -18.32 -23.15
N GLY B 237 -13.68 -18.97 -22.59
CA GLY B 237 -14.35 -18.45 -21.41
C GLY B 237 -13.91 -19.11 -20.12
N LYS B 238 -14.18 -18.44 -19.01
CA LYS B 238 -13.94 -18.99 -17.68
C LYS B 238 -15.25 -18.93 -16.90
N ILE B 239 -15.52 -19.97 -16.12
CA ILE B 239 -16.74 -20.04 -15.31
C ILE B 239 -16.43 -20.50 -13.89
N GLY B 240 -17.13 -19.90 -12.91
CA GLY B 240 -16.95 -20.20 -11.52
C GLY B 240 -18.27 -20.04 -10.78
N ILE B 241 -18.17 -19.92 -9.47
CA ILE B 241 -19.32 -19.90 -8.61
C ILE B 241 -18.91 -19.14 -7.37
N VAL B 242 -19.86 -18.45 -6.74
CA VAL B 242 -19.55 -17.52 -5.66
C VAL B 242 -20.15 -17.95 -4.33
N PHE B 243 -19.35 -17.92 -3.27
CA PHE B 243 -19.81 -18.32 -1.94
C PHE B 243 -19.65 -17.22 -0.91
N ASN B 244 -20.62 -17.14 0.01
CA ASN B 244 -20.49 -16.30 1.17
C ASN B 244 -19.60 -17.03 2.14
N ASN B 245 -18.85 -16.25 2.93
CA ASN B 245 -17.95 -16.80 3.93
C ASN B 245 -17.82 -15.86 5.13
N GLY B 246 -17.75 -16.42 6.32
CA GLY B 246 -17.50 -15.67 7.54
C GLY B 246 -16.28 -16.29 8.23
N TYR B 247 -15.56 -15.47 8.98
CA TYR B 247 -14.40 -15.97 9.72
C TYR B 247 -14.87 -16.30 11.12
N PHE B 248 -15.06 -17.60 11.38
CA PHE B 248 -15.49 -18.12 12.67
C PHE B 248 -14.32 -18.46 13.60
N GLU B 249 -14.37 -17.91 14.81
CA GLU B 249 -13.39 -18.17 15.87
C GLU B 249 -14.11 -18.73 17.09
N PRO B 250 -13.46 -19.64 17.85
CA PRO B 250 -14.12 -20.20 19.02
C PRO B 250 -14.15 -19.20 20.17
N ALA B 251 -15.15 -19.34 21.03
CA ALA B 251 -15.31 -18.44 22.17
C ALA B 251 -14.32 -18.83 23.26
N SER B 252 -13.91 -20.09 23.26
CA SER B 252 -12.87 -20.56 24.17
C SER B 252 -12.07 -21.68 23.53
N GLU B 253 -11.04 -22.12 24.23
CA GLU B 253 -10.14 -23.14 23.72
C GLU B 253 -10.65 -24.56 23.99
N LYS B 254 -11.88 -24.69 24.48
CA LYS B 254 -12.43 -26.02 24.77
C LYS B 254 -12.91 -26.80 23.53
N GLU B 255 -12.73 -28.12 23.57
CA GLU B 255 -13.10 -29.05 22.50
C GLU B 255 -14.34 -28.64 21.73
N GLU B 256 -15.47 -28.57 22.44
CA GLU B 256 -16.79 -28.38 21.82
C GLU B 256 -16.92 -27.08 21.04
N ASP B 257 -16.21 -26.03 21.46
CA ASP B 257 -16.30 -24.72 20.80
C ASP B 257 -15.50 -24.73 19.51
N ILE B 258 -14.35 -25.39 19.56
CA ILE B 258 -13.48 -25.51 18.39
C ILE B 258 -14.22 -26.33 17.32
N ARG B 259 -14.91 -27.38 17.75
CA ARG B 259 -15.73 -28.18 16.84
CA ARG B 259 -15.74 -28.20 16.85
C ARG B 259 -16.90 -27.36 16.29
N ALA B 260 -17.44 -26.46 17.12
CA ALA B 260 -18.53 -25.60 16.68
C ALA B 260 -18.07 -24.71 15.53
N VAL B 261 -16.86 -24.19 15.62
CA VAL B 261 -16.27 -23.43 14.52
C VAL B 261 -16.15 -24.32 13.27
N ARG B 262 -15.72 -25.55 13.46
CA ARG B 262 -15.49 -26.46 12.36
C ARG B 262 -16.84 -26.74 11.63
N PHE B 263 -17.90 -26.91 12.41
CA PHE B 263 -19.23 -27.11 11.83
C PHE B 263 -19.66 -25.84 11.09
N MET B 264 -19.38 -24.67 11.65
CA MET B 264 -19.81 -23.41 11.02
C MET B 264 -19.08 -23.14 9.72
N HIS B 265 -17.78 -23.45 9.70
CA HIS B 265 -17.01 -23.34 8.46
C HIS B 265 -17.56 -24.30 7.39
N GLN B 266 -17.72 -25.57 7.73
CA GLN B 266 -18.21 -26.58 6.79
C GLN B 266 -19.61 -26.23 6.23
N PHE B 267 -20.49 -25.70 7.08
CA PHE B 267 -21.88 -25.46 6.67
C PHE B 267 -22.12 -24.07 6.05
N ASN B 268 -21.61 -23.03 6.71
CA ASN B 268 -21.86 -21.66 6.29
CA ASN B 268 -21.84 -21.63 6.31
C ASN B 268 -20.90 -21.19 5.20
N ASN B 269 -19.72 -21.83 5.11
CA ASN B 269 -18.69 -21.36 4.16
C ASN B 269 -18.60 -22.23 2.89
N TYR B 270 -17.65 -21.94 2.00
CA TYR B 270 -17.45 -22.68 0.75
C TYR B 270 -17.46 -24.25 0.84
N PRO B 271 -17.00 -24.88 1.96
CA PRO B 271 -16.99 -26.36 1.88
C PRO B 271 -18.34 -27.01 1.57
N LEU B 272 -19.45 -26.41 2.03
CA LEU B 272 -20.78 -27.01 1.75
C LEU B 272 -20.90 -27.35 0.28
N PHE B 273 -20.36 -26.50 -0.57
CA PHE B 273 -20.45 -26.68 -2.01
C PHE B 273 -19.18 -27.20 -2.67
N LEU B 274 -18.02 -26.84 -2.10
CA LEU B 274 -16.76 -27.27 -2.70
C LEU B 274 -16.40 -28.70 -2.35
N ASN B 275 -16.90 -29.19 -1.21
CA ASN B 275 -16.70 -30.61 -0.92
C ASN B 275 -17.45 -31.50 -1.95
N PRO B 276 -18.74 -31.20 -2.21
CA PRO B 276 -19.38 -31.85 -3.37
C PRO B 276 -18.61 -31.70 -4.69
N ILE B 277 -18.30 -30.47 -5.09
CA ILE B 277 -17.68 -30.20 -6.41
C ILE B 277 -16.29 -30.87 -6.58
N TYR B 278 -15.43 -30.73 -5.57
CA TYR B 278 -14.08 -31.35 -5.58
C TYR B 278 -13.94 -32.79 -5.03
N ARG B 279 -14.78 -33.21 -4.08
CA ARG B 279 -14.60 -34.52 -3.44
C ARG B 279 -15.82 -35.45 -3.59
N GLY B 280 -16.93 -34.95 -4.13
CA GLY B 280 -18.06 -35.82 -4.43
C GLY B 280 -18.92 -36.21 -3.24
N ASP B 281 -18.90 -35.41 -2.17
CA ASP B 281 -19.90 -35.52 -1.08
C ASP B 281 -19.94 -34.23 -0.26
N TYR B 282 -20.98 -34.05 0.54
CA TYR B 282 -21.06 -32.92 1.46
C TYR B 282 -20.02 -33.15 2.59
N PRO B 283 -19.59 -32.06 3.27
CA PRO B 283 -18.66 -32.21 4.40
C PRO B 283 -19.23 -33.08 5.52
N GLU B 284 -18.36 -33.77 6.27
CA GLU B 284 -18.88 -34.76 7.20
C GLU B 284 -19.73 -34.20 8.34
N LEU B 285 -19.44 -33.00 8.82
CA LEU B 285 -20.23 -32.48 9.92
C LEU B 285 -21.58 -31.94 9.39
N VAL B 286 -21.61 -31.57 8.11
CA VAL B 286 -22.88 -31.18 7.48
C VAL B 286 -23.79 -32.42 7.38
N LEU B 287 -23.22 -33.56 7.00
CA LEU B 287 -23.98 -34.79 6.94
C LEU B 287 -24.47 -35.27 8.32
N GLU B 288 -23.63 -35.11 9.35
CA GLU B 288 -24.02 -35.48 10.71
C GLU B 288 -25.24 -34.66 11.14
N PHE B 289 -25.24 -33.38 10.77
CA PHE B 289 -26.36 -32.47 11.05
C PHE B 289 -27.59 -32.76 10.18
N ALA B 290 -27.39 -32.96 8.89
CA ALA B 290 -28.46 -32.76 7.94
C ALA B 290 -28.74 -33.92 6.98
N ARG B 291 -28.16 -35.10 7.26
CA ARG B 291 -28.40 -36.22 6.34
C ARG B 291 -29.90 -36.51 6.21
N GLU B 292 -30.69 -36.43 7.28
CA GLU B 292 -32.12 -36.76 7.20
CA GLU B 292 -32.12 -36.76 7.19
CA GLU B 292 -32.10 -36.79 7.12
C GLU B 292 -32.89 -35.76 6.33
N TYR B 293 -32.29 -34.58 6.07
CA TYR B 293 -32.96 -33.51 5.30
C TYR B 293 -32.61 -33.53 3.83
N LEU B 294 -31.52 -34.22 3.48
CA LEU B 294 -31.08 -34.26 2.09
C LEU B 294 -31.90 -35.27 1.35
N PRO B 295 -32.02 -35.11 0.02
CA PRO B 295 -32.82 -36.10 -0.68
C PRO B 295 -32.29 -37.52 -0.58
N GLU B 296 -33.22 -38.47 -0.58
CA GLU B 296 -32.88 -39.84 -0.78
C GLU B 296 -32.10 -39.95 -2.08
N ASN B 297 -31.00 -40.68 -1.99
CA ASN B 297 -30.17 -40.97 -3.15
C ASN B 297 -29.44 -39.74 -3.68
N TYR B 298 -29.26 -38.72 -2.84
CA TYR B 298 -28.60 -37.48 -3.29
C TYR B 298 -27.22 -37.81 -3.90
N LYS B 299 -26.56 -38.84 -3.39
CA LYS B 299 -25.17 -39.10 -3.81
C LYS B 299 -25.10 -39.57 -5.25
N ASP B 300 -26.22 -40.09 -5.77
CA ASP B 300 -26.31 -40.46 -7.18
C ASP B 300 -25.99 -39.28 -8.07
N ASP B 301 -26.20 -38.05 -7.58
CA ASP B 301 -26.02 -36.87 -8.41
C ASP B 301 -24.61 -36.31 -8.30
N MET B 302 -23.82 -36.86 -7.39
CA MET B 302 -22.52 -36.23 -7.08
C MET B 302 -21.48 -36.29 -8.20
N SER B 303 -21.48 -37.38 -8.96
CA SER B 303 -20.49 -37.49 -10.03
C SER B 303 -20.76 -36.43 -11.11
N GLU B 304 -22.03 -36.10 -11.33
CA GLU B 304 -22.40 -34.97 -12.21
C GLU B 304 -22.03 -33.59 -11.60
N ILE B 305 -22.22 -33.46 -10.30
CA ILE B 305 -21.88 -32.21 -9.61
C ILE B 305 -20.38 -31.83 -9.70
N GLN B 306 -19.51 -32.81 -9.90
CA GLN B 306 -18.07 -32.59 -10.00
C GLN B 306 -17.56 -32.03 -11.33
N GLU B 307 -18.48 -31.66 -12.23
CA GLU B 307 -18.16 -30.90 -13.43
C GLU B 307 -17.08 -29.84 -13.09
N LYS B 308 -15.96 -29.85 -13.83
CA LYS B 308 -14.78 -29.02 -13.50
C LYS B 308 -15.07 -27.53 -13.66
N ILE B 309 -14.68 -26.72 -12.66
CA ILE B 309 -14.87 -25.27 -12.72
C ILE B 309 -13.54 -24.52 -12.87
N ASP B 310 -13.57 -23.25 -13.27
CA ASP B 310 -12.31 -22.56 -13.54
C ASP B 310 -11.81 -21.71 -12.38
N PHE B 311 -12.74 -21.15 -11.60
CA PHE B 311 -12.39 -20.31 -10.48
C PHE B 311 -13.43 -20.42 -9.37
N VAL B 312 -13.01 -20.12 -8.16
CA VAL B 312 -13.91 -19.98 -7.01
C VAL B 312 -13.95 -18.51 -6.64
N GLY B 313 -15.16 -17.93 -6.59
CA GLY B 313 -15.33 -16.57 -6.08
C GLY B 313 -15.67 -16.64 -4.60
N LEU B 314 -15.00 -15.83 -3.78
CA LEU B 314 -15.34 -15.72 -2.36
C LEU B 314 -15.80 -14.32 -2.02
N ASN B 315 -16.95 -14.25 -1.35
CA ASN B 315 -17.47 -13.03 -0.79
C ASN B 315 -17.10 -13.06 0.68
N TYR B 316 -16.72 -11.90 1.21
CA TYR B 316 -16.32 -11.82 2.60
C TYR B 316 -16.59 -10.43 3.16
N TYR B 317 -17.20 -10.42 4.34
CA TYR B 317 -17.59 -9.20 5.01
C TYR B 317 -17.21 -9.19 6.47
N SER B 318 -17.41 -10.29 7.17
CA SER B 318 -17.25 -10.21 8.62
C SER B 318 -16.82 -11.46 9.32
N GLY B 319 -16.61 -11.31 10.63
CA GLY B 319 -16.14 -12.38 11.51
C GLY B 319 -17.10 -12.56 12.67
N HIS B 320 -17.07 -13.74 13.30
CA HIS B 320 -18.06 -14.14 14.27
C HIS B 320 -17.38 -15.00 15.31
N LEU B 321 -17.69 -14.75 16.58
CA LEU B 321 -17.21 -15.59 17.67
C LEU B 321 -18.34 -16.55 17.92
N VAL B 322 -18.00 -17.81 18.18
CA VAL B 322 -18.96 -18.89 18.17
C VAL B 322 -18.67 -19.85 19.30
N LYS B 323 -19.73 -20.47 19.84
CA LYS B 323 -19.60 -21.47 20.90
C LYS B 323 -20.58 -22.63 20.72
N PHE B 324 -20.24 -23.78 21.29
CA PHE B 324 -21.17 -24.89 21.42
C PHE B 324 -22.32 -24.51 22.35
N ASP B 325 -23.49 -25.09 22.09
CA ASP B 325 -24.71 -24.76 22.83
C ASP B 325 -25.78 -25.81 22.53
N PRO B 326 -26.07 -26.68 23.52
CA PRO B 326 -26.98 -27.81 23.34
C PRO B 326 -28.44 -27.41 23.09
N ASP B 327 -28.78 -26.14 23.33
CA ASP B 327 -30.14 -25.66 23.14
CA ASP B 327 -30.14 -25.66 23.14
C ASP B 327 -30.40 -25.22 21.69
N ALA B 328 -29.34 -24.77 21.02
CA ALA B 328 -29.42 -24.25 19.65
C ALA B 328 -29.68 -25.33 18.60
N LYS B 331 -26.38 -27.06 17.03
CA LYS B 331 -25.90 -26.90 18.41
C LYS B 331 -24.82 -25.81 18.55
N VAL B 332 -25.07 -24.65 17.94
CA VAL B 332 -24.09 -23.58 17.87
C VAL B 332 -24.74 -22.22 18.09
N SER B 333 -24.09 -21.36 18.87
CA SER B 333 -24.54 -19.97 19.09
C SER B 333 -23.44 -18.96 18.80
N PHE B 334 -23.85 -17.82 18.27
CA PHE B 334 -22.97 -16.67 18.12
C PHE B 334 -22.86 -16.01 19.48
N VAL B 335 -21.71 -15.40 19.75
CA VAL B 335 -21.57 -14.56 20.95
C VAL B 335 -20.95 -13.22 20.56
N GLU B 336 -21.54 -12.15 21.05
CA GLU B 336 -21.17 -10.80 20.64
C GLU B 336 -19.80 -10.44 21.20
N ARG B 337 -19.09 -9.57 20.49
CA ARG B 337 -17.76 -9.13 20.89
C ARG B 337 -17.72 -7.62 20.87
N ASP B 338 -16.62 -7.05 21.36
CA ASP B 338 -16.41 -5.63 21.32
C ASP B 338 -16.24 -5.26 19.86
N LEU B 339 -15.02 -4.98 19.44
CA LEU B 339 -14.74 -4.82 18.01
C LEU B 339 -15.62 -3.80 17.31
N PRO B 340 -15.02 -3.00 16.42
CA PRO B 340 -15.77 -2.07 15.58
C PRO B 340 -16.75 -2.82 14.65
N LYS B 341 -17.96 -2.30 14.51
CA LYS B 341 -19.04 -2.88 13.69
C LYS B 341 -19.49 -1.91 12.60
N THR B 342 -20.11 -2.43 11.55
CA THR B 342 -20.66 -1.57 10.50
C THR B 342 -22.11 -1.29 10.87
N ALA B 343 -22.78 -0.48 10.05
CA ALA B 343 -24.22 -0.24 10.16
C ALA B 343 -25.08 -1.52 10.15
N MET B 344 -24.55 -2.64 9.60
CA MET B 344 -25.28 -3.92 9.66
C MET B 344 -25.07 -4.59 11.00
N GLY B 345 -24.16 -4.06 11.81
CA GLY B 345 -23.83 -4.70 13.07
C GLY B 345 -22.76 -5.77 12.92
N TRP B 346 -22.15 -5.83 11.74
CA TRP B 346 -21.14 -6.84 11.43
C TRP B 346 -19.74 -6.43 11.91
N GLU B 347 -19.15 -7.29 12.73
CA GLU B 347 -17.82 -7.09 13.31
C GLU B 347 -16.75 -7.09 12.22
N ILE B 348 -15.90 -6.07 12.25
CA ILE B 348 -14.87 -5.86 11.27
C ILE B 348 -13.62 -6.62 11.72
N VAL B 349 -13.36 -7.73 11.03
CA VAL B 349 -12.24 -8.61 11.34
C VAL B 349 -11.47 -8.89 10.03
N PRO B 350 -10.62 -7.93 9.60
CA PRO B 350 -9.97 -8.01 8.28
C PRO B 350 -9.13 -9.27 8.08
N GLU B 351 -8.58 -9.82 9.16
CA GLU B 351 -7.72 -10.99 9.01
C GLU B 351 -8.52 -12.23 8.57
N GLY B 352 -9.86 -12.12 8.65
CA GLY B 352 -10.75 -13.17 8.12
C GLY B 352 -10.60 -13.40 6.63
N ILE B 353 -10.33 -12.33 5.87
CA ILE B 353 -10.17 -12.47 4.42
C ILE B 353 -8.88 -13.20 4.03
N TYR B 354 -7.82 -13.02 4.82
CA TYR B 354 -6.59 -13.80 4.67
C TYR B 354 -6.89 -15.27 5.03
N TRP B 355 -7.57 -15.46 6.15
CA TRP B 355 -7.84 -16.79 6.68
C TRP B 355 -8.63 -17.64 5.68
N ILE B 356 -9.63 -17.02 5.06
CA ILE B 356 -10.52 -17.74 4.17
C ILE B 356 -9.80 -18.06 2.88
N LEU B 357 -8.88 -17.16 2.49
CA LEU B 357 -8.11 -17.33 1.25
C LEU B 357 -7.09 -18.44 1.41
N LYS B 358 -6.43 -18.48 2.56
CA LYS B 358 -5.47 -19.54 2.84
C LYS B 358 -6.17 -20.87 2.94
N LYS B 359 -7.24 -20.90 3.74
CA LYS B 359 -8.04 -22.10 3.94
C LYS B 359 -8.56 -22.70 2.64
N VAL B 360 -9.04 -21.89 1.70
CA VAL B 360 -9.56 -22.45 0.44
C VAL B 360 -8.47 -23.12 -0.39
N LYS B 361 -7.27 -22.52 -0.38
CA LYS B 361 -6.15 -23.10 -1.10
C LYS B 361 -5.75 -24.39 -0.40
N GLU B 362 -5.70 -24.40 0.93
CA GLU B 362 -5.39 -25.61 1.69
C GLU B 362 -6.36 -26.77 1.51
N GLU B 363 -7.66 -26.47 1.52
CA GLU B 363 -8.66 -27.55 1.52
C GLU B 363 -8.97 -28.03 0.11
N TYR B 364 -9.08 -27.13 -0.84
CA TYR B 364 -9.53 -27.49 -2.20
C TYR B 364 -8.56 -27.13 -3.33
N ASN B 365 -7.60 -26.25 -3.03
CA ASN B 365 -6.59 -25.87 -4.02
C ASN B 365 -7.18 -25.53 -5.39
N PRO B 366 -8.12 -24.56 -5.45
CA PRO B 366 -8.67 -24.11 -6.73
C PRO B 366 -7.60 -23.40 -7.61
N PRO B 367 -7.69 -23.52 -8.96
CA PRO B 367 -6.65 -22.90 -9.79
C PRO B 367 -6.64 -21.37 -9.72
N GLU B 368 -7.83 -20.76 -9.64
CA GLU B 368 -7.99 -19.33 -9.52
C GLU B 368 -9.00 -19.03 -8.42
N VAL B 369 -8.73 -17.98 -7.64
CA VAL B 369 -9.67 -17.45 -6.65
C VAL B 369 -9.88 -15.97 -6.92
N TYR B 370 -11.11 -15.49 -6.75
CA TYR B 370 -11.40 -14.04 -6.77
C TYR B 370 -12.17 -13.68 -5.53
N ILE B 371 -11.88 -12.50 -4.98
CA ILE B 371 -12.77 -11.92 -4.00
C ILE B 371 -13.87 -11.26 -4.81
N THR B 372 -15.09 -11.80 -4.72
CA THR B 372 -16.13 -11.33 -5.63
C THR B 372 -16.99 -10.26 -4.97
N GLU B 373 -16.89 -10.17 -3.64
CA GLU B 373 -17.49 -9.08 -2.91
C GLU B 373 -16.75 -8.81 -1.61
N ASN B 374 -16.51 -7.54 -1.33
CA ASN B 374 -16.02 -7.15 -0.02
C ASN B 374 -16.40 -5.68 0.14
N GLY B 375 -16.84 -5.30 1.33
CA GLY B 375 -17.41 -3.94 1.48
C GLY B 375 -18.01 -3.69 2.84
N ALA B 376 -18.51 -2.47 3.03
CA ALA B 376 -19.12 -2.10 4.31
C ALA B 376 -20.24 -1.09 4.16
N ALA B 377 -21.20 -1.16 5.07
CA ALA B 377 -22.25 -0.17 5.19
C ALA B 377 -21.97 0.73 6.38
N PHE B 378 -22.11 2.03 6.17
CA PHE B 378 -22.00 2.98 7.24
C PHE B 378 -23.07 4.04 7.00
N ASP B 379 -23.40 4.79 8.05
CA ASP B 379 -24.33 5.90 7.91
C ASP B 379 -23.60 7.03 7.16
N ASP B 380 -23.76 7.04 5.84
CA ASP B 380 -23.10 8.06 5.00
C ASP B 380 -23.92 9.34 5.01
N VAL B 381 -23.22 10.45 4.76
CA VAL B 381 -23.79 11.80 4.89
C VAL B 381 -23.12 12.72 3.88
N VAL B 382 -23.93 13.48 3.15
CA VAL B 382 -23.45 14.46 2.18
C VAL B 382 -23.11 15.76 2.92
N SER B 383 -21.82 16.04 3.10
CA SER B 383 -21.38 17.24 3.85
C SER B 383 -21.75 18.54 3.12
N GLU B 384 -21.65 19.68 3.83
CA GLU B 384 -21.95 21.01 3.25
C GLU B 384 -21.25 21.21 1.91
N ASP B 385 -20.07 20.61 1.78
CA ASP B 385 -19.29 20.64 0.52
C ASP B 385 -19.86 19.76 -0.59
N GLY B 386 -20.93 19.04 -0.29
CA GLY B 386 -21.57 18.14 -1.28
C GLY B 386 -20.74 16.90 -1.54
N ARG B 387 -19.82 16.61 -0.61
CA ARG B 387 -19.05 15.38 -0.63
C ARG B 387 -19.52 14.44 0.45
N VAL B 388 -19.03 13.21 0.41
CA VAL B 388 -19.31 12.23 1.44
C VAL B 388 -17.93 11.78 1.93
N HIS B 389 -17.60 12.12 3.17
CA HIS B 389 -16.27 11.83 3.70
C HIS B 389 -16.34 10.53 4.47
N ASP B 390 -16.28 9.44 3.73
CA ASP B 390 -16.43 8.09 4.27
C ASP B 390 -15.09 7.45 4.52
N GLN B 391 -14.37 8.05 5.47
CA GLN B 391 -13.11 7.52 5.96
C GLN B 391 -13.27 6.14 6.58
N ASN B 392 -14.45 5.89 7.17
CA ASN B 392 -14.73 4.57 7.79
C ASN B 392 -14.67 3.42 6.79
N ARG B 393 -15.21 3.66 5.59
CA ARG B 393 -15.20 2.69 4.50
C ARG B 393 -13.81 2.52 3.91
N ILE B 394 -13.16 3.65 3.63
CA ILE B 394 -11.74 3.65 3.25
C ILE B 394 -10.96 2.77 4.20
N ASP B 395 -11.09 3.02 5.51
CA ASP B 395 -10.38 2.24 6.52
C ASP B 395 -10.71 0.74 6.42
N TYR B 396 -12.00 0.43 6.25
CA TYR B 396 -12.45 -0.96 6.09
C TYR B 396 -11.77 -1.61 4.88
N LEU B 397 -11.95 -1.01 3.71
CA LEU B 397 -11.44 -1.57 2.48
C LEU B 397 -9.93 -1.73 2.50
N LYS B 398 -9.24 -0.74 3.09
CA LYS B 398 -7.77 -0.70 3.12
C LYS B 398 -7.21 -1.94 3.80
N ALA B 399 -7.75 -2.27 4.98
CA ALA B 399 -7.26 -3.39 5.77
C ALA B 399 -7.53 -4.75 5.13
N HIS B 400 -8.65 -4.85 4.42
CA HIS B 400 -9.01 -6.11 3.76
C HIS B 400 -8.18 -6.32 2.52
N ILE B 401 -8.07 -5.29 1.68
CA ILE B 401 -7.19 -5.31 0.52
C ILE B 401 -5.75 -5.64 0.96
N GLY B 402 -5.44 -5.29 2.21
CA GLY B 402 -4.10 -5.51 2.78
C GLY B 402 -3.91 -6.94 3.22
N GLN B 403 -4.96 -7.54 3.78
CA GLN B 403 -4.93 -8.94 4.18
C GLN B 403 -4.98 -9.86 2.96
N ALA B 404 -5.69 -9.45 1.91
CA ALA B 404 -5.70 -10.15 0.62
C ALA B 404 -4.32 -10.16 -0.05
N TRP B 405 -3.64 -9.03 -0.01
CA TRP B 405 -2.27 -8.93 -0.52
C TRP B 405 -1.38 -9.95 0.16
N LYS B 406 -1.53 -10.06 1.49
CA LYS B 406 -0.74 -10.99 2.29
C LYS B 406 -1.01 -12.43 1.87
N ALA B 407 -2.26 -12.72 1.51
CA ALA B 407 -2.62 -14.08 1.12
C ALA B 407 -1.89 -14.44 -0.16
N ILE B 408 -1.85 -13.51 -1.10
CA ILE B 408 -1.13 -13.72 -2.34
C ILE B 408 0.37 -14.07 -2.10
N GLN B 409 0.97 -13.42 -1.11
CA GLN B 409 2.38 -13.61 -0.81
C GLN B 409 2.66 -15.03 -0.33
N GLU B 410 1.66 -15.66 0.28
CA GLU B 410 1.82 -17.04 0.73
C GLU B 410 1.26 -18.02 -0.31
N GLY B 411 1.13 -17.53 -1.55
CA GLY B 411 0.90 -18.37 -2.70
C GLY B 411 -0.55 -18.71 -3.07
N VAL B 412 -1.49 -17.94 -2.53
CA VAL B 412 -2.91 -18.08 -2.92
C VAL B 412 -3.10 -17.46 -4.28
N PRO B 413 -3.62 -18.25 -5.25
CA PRO B 413 -3.83 -17.77 -6.61
C PRO B 413 -4.97 -16.74 -6.79
N LEU B 414 -4.92 -15.66 -6.03
CA LEU B 414 -5.94 -14.60 -6.12
C LEU B 414 -5.79 -13.68 -7.34
N LYS B 415 -6.78 -13.71 -8.23
CA LYS B 415 -6.67 -13.03 -9.51
C LYS B 415 -7.38 -11.67 -9.58
N GLY B 416 -8.18 -11.32 -8.57
CA GLY B 416 -8.98 -10.08 -8.67
C GLY B 416 -9.76 -9.73 -7.40
N TYR B 417 -10.31 -8.53 -7.35
CA TYR B 417 -10.97 -8.03 -6.15
C TYR B 417 -12.08 -7.06 -6.52
N PHE B 418 -13.29 -7.36 -6.06
CA PHE B 418 -14.47 -6.55 -6.40
C PHE B 418 -15.03 -5.98 -5.12
N VAL B 419 -15.25 -4.68 -5.14
CA VAL B 419 -15.81 -4.00 -3.99
C VAL B 419 -17.33 -4.10 -4.11
N TRP B 420 -17.99 -4.48 -3.02
CA TRP B 420 -19.42 -4.33 -2.96
C TRP B 420 -19.68 -3.05 -2.19
N SER B 421 -20.29 -2.05 -2.80
CA SER B 421 -20.76 -2.06 -4.18
C SER B 421 -20.36 -0.74 -4.89
N LEU B 422 -20.53 -0.69 -6.21
CA LEU B 422 -20.46 0.59 -6.95
C LEU B 422 -21.43 1.63 -6.40
N LEU B 423 -22.67 1.23 -6.15
CA LEU B 423 -23.70 2.16 -5.71
C LEU B 423 -24.39 1.71 -4.47
N ASP B 424 -24.83 2.68 -3.65
CA ASP B 424 -25.85 2.43 -2.64
CA ASP B 424 -25.84 2.41 -2.64
C ASP B 424 -27.05 1.80 -3.34
N ASN B 425 -27.73 0.87 -2.69
CA ASN B 425 -28.80 0.18 -3.39
C ASN B 425 -29.79 -0.50 -2.45
N PHE B 426 -30.71 -1.26 -3.03
CA PHE B 426 -31.72 -1.99 -2.26
C PHE B 426 -31.05 -3.18 -1.55
N GLU B 427 -30.82 -3.05 -0.24
CA GLU B 427 -30.16 -4.13 0.50
C GLU B 427 -31.14 -5.18 1.05
N TRP B 428 -31.89 -5.79 0.12
CA TRP B 428 -32.75 -6.95 0.43
C TRP B 428 -33.73 -6.67 1.59
N ALA B 429 -33.74 -7.49 2.64
CA ALA B 429 -34.68 -7.27 3.77
C ALA B 429 -34.44 -5.96 4.53
N GLU B 430 -33.28 -5.34 4.33
CA GLU B 430 -32.97 -4.07 4.99
C GLU B 430 -33.50 -2.87 4.18
N GLY B 431 -33.95 -3.14 2.95
CA GLY B 431 -34.35 -2.08 2.02
C GLY B 431 -33.21 -1.09 1.74
N TYR B 432 -33.59 0.18 1.60
CA TYR B 432 -32.64 1.25 1.24
C TYR B 432 -31.88 1.80 2.43
N SER B 433 -32.08 1.19 3.59
CA SER B 433 -31.54 1.69 4.85
C SER B 433 -30.06 1.45 5.05
N LYS B 434 -29.47 0.60 4.22
CA LYS B 434 -28.06 0.26 4.37
CA LYS B 434 -28.06 0.26 4.37
C LYS B 434 -27.34 0.59 3.08
N ARG B 435 -26.30 1.41 3.20
CA ARG B 435 -25.61 1.97 2.04
C ARG B 435 -24.22 1.37 1.94
N PHE B 436 -23.97 0.65 0.84
CA PHE B 436 -22.71 -0.10 0.63
C PHE B 436 -21.85 0.54 -0.47
N GLY B 437 -22.38 1.55 -1.16
CA GLY B 437 -21.74 2.09 -2.34
C GLY B 437 -20.42 2.82 -2.08
N ILE B 438 -19.56 2.86 -3.08
CA ILE B 438 -18.44 3.79 -3.10
C ILE B 438 -18.92 5.03 -3.85
N VAL B 439 -20.11 4.92 -4.45
CA VAL B 439 -20.90 6.06 -4.96
C VAL B 439 -22.22 6.17 -4.19
N TYR B 440 -22.44 7.32 -3.56
CA TYR B 440 -23.69 7.67 -2.88
C TYR B 440 -24.84 7.90 -3.88
N VAL B 441 -26.04 7.44 -3.52
CA VAL B 441 -27.23 7.66 -4.34
C VAL B 441 -28.25 8.42 -3.51
N ASP B 442 -28.61 9.59 -4.00
CA ASP B 442 -29.65 10.37 -3.37
C ASP B 442 -30.92 9.91 -4.08
N TYR B 443 -31.77 9.17 -3.35
CA TYR B 443 -32.94 8.51 -3.93
C TYR B 443 -34.06 9.44 -4.33
N SER B 444 -34.12 10.64 -3.73
CA SER B 444 -35.15 11.63 -4.11
C SER B 444 -34.88 12.20 -5.50
N THR B 445 -33.61 12.38 -5.85
CA THR B 445 -33.23 12.97 -7.13
C THR B 445 -32.58 12.00 -8.09
N GLN B 446 -32.12 10.86 -7.57
CA GLN B 446 -31.32 9.86 -8.31
C GLN B 446 -29.91 10.38 -8.65
N LYS B 447 -29.47 11.36 -7.88
CA LYS B 447 -28.14 11.94 -8.03
C LYS B 447 -27.06 10.99 -7.48
N ARG B 448 -26.05 10.75 -8.31
CA ARG B 448 -24.84 10.03 -7.91
C ARG B 448 -23.86 11.03 -7.34
N ILE B 449 -23.39 10.76 -6.12
CA ILE B 449 -22.27 11.51 -5.53
C ILE B 449 -21.14 10.55 -5.20
N VAL B 450 -20.11 10.51 -6.07
CA VAL B 450 -18.94 9.66 -5.81
C VAL B 450 -18.42 9.93 -4.40
N LYS B 451 -18.18 8.87 -3.63
CA LYS B 451 -17.72 9.04 -2.25
C LYS B 451 -16.20 9.13 -2.22
N ASP B 452 -15.66 9.52 -1.06
CA ASP B 452 -14.19 9.55 -0.90
C ASP B 452 -13.59 8.17 -1.11
N SER B 453 -14.23 7.15 -0.54
CA SER B 453 -13.86 5.74 -0.79
C SER B 453 -13.69 5.51 -2.28
N GLY B 454 -14.59 6.10 -3.05
CA GLY B 454 -14.55 6.01 -4.51
C GLY B 454 -13.28 6.59 -5.10
N TYR B 455 -12.88 7.76 -4.59
CA TYR B 455 -11.65 8.43 -5.07
C TYR B 455 -10.43 7.66 -4.59
N TRP B 456 -10.50 7.15 -3.37
CA TRP B 456 -9.43 6.39 -2.78
C TRP B 456 -9.20 5.04 -3.49
N TYR B 457 -10.29 4.42 -3.93
CA TYR B 457 -10.21 3.12 -4.57
C TYR B 457 -9.71 3.31 -6.00
N SER B 458 -10.19 4.38 -6.63
CA SER B 458 -9.70 4.85 -7.91
C SER B 458 -8.19 4.88 -7.90
N ASN B 459 -7.63 5.38 -6.79
CA ASN B 459 -6.18 5.44 -6.58
CA ASN B 459 -6.19 5.43 -6.62
C ASN B 459 -5.55 4.05 -6.52
N VAL B 460 -6.13 3.18 -5.68
CA VAL B 460 -5.67 1.79 -5.49
C VAL B 460 -5.54 1.09 -6.84
N VAL B 461 -6.55 1.27 -7.71
CA VAL B 461 -6.55 0.64 -9.06
C VAL B 461 -5.36 1.16 -9.86
N LYS B 462 -5.32 2.49 -10.02
CA LYS B 462 -4.20 3.25 -10.62
C LYS B 462 -2.82 2.75 -10.20
N ASN B 463 -2.62 2.53 -8.89
CA ASN B 463 -1.34 2.05 -8.35
C ASN B 463 -1.21 0.56 -8.21
N ASN B 464 -2.16 -0.20 -8.77
CA ASN B 464 -2.22 -1.65 -8.55
C ASN B 464 -1.85 -2.02 -7.12
N GLY B 465 -2.35 -1.25 -6.16
CA GLY B 465 -2.12 -1.60 -4.76
C GLY B 465 -2.23 -0.44 -3.78
N LEU B 466 -1.78 -0.68 -2.56
CA LEU B 466 -1.91 0.28 -1.49
C LEU B 466 -0.64 1.13 -1.36
N GLU B 467 -0.82 2.37 -0.89
CA GLU B 467 0.21 3.44 -0.86
C GLU B 467 1.20 3.45 -2.05
#